data_7TNX
#
_entry.id   7TNX
#
_cell.length_a   1.00
_cell.length_b   1.00
_cell.length_c   1.00
_cell.angle_alpha   90.00
_cell.angle_beta   90.00
_cell.angle_gamma   90.00
#
_symmetry.space_group_name_H-M   'P 1'
#
loop_
_entity.id
_entity.type
_entity.pdbx_description
1 polymer 'Antiviral innate immune response receptor RIG-I'
2 polymer p3dsRNAa
3 polymer p3dsRNAb
4 non-polymer 'ZINC ION'
#
loop_
_entity_poly.entity_id
_entity_poly.type
_entity_poly.pdbx_seq_one_letter_code
_entity_poly.pdbx_strand_id
1 'polypeptide(L)'
;MTTEQRRSLQAFQDYIRKTLDPTYILSYMAPWFREEEVQYIQAEKNNKGPMEAATLFLKFLLELQEEGWFRGFLDALDHA
GYSGLYEAIESWDFKKIEKLEEYRLLLKRLQPEFKTRIIPTDIISDLSECLINQECEEILQICSTKGMMAGAEKLVECLL
RSDKENWPKTLKLALEKERNKFSELWIVEKGIKDVETEDLEDKMETSDIQIFYQEDPECQNLSENSCPPSEVSDTNLYSP
FKPRNYQLELALPAMKGKNTIICAPTGCGKTFVSLLICEHHLKKFPQGQKGKVVFFANQIPVYEQQKSVFSKYFERHGYR
VTGISGATAENVPVEQIVENNDIIILTPQILVNNLKKGTIPSLSIFTLMIFDECHNTSKQHPYNMIMFNYLDQKLGGSSG
PLPQVIGLTASVGVGDAKNTDEALDYICKLCASLDASVIATVKHNLEELEQVVYKPQKFFRKVESRISDKFKYIIAQLMR
DTESLAKRICKDLENLSQIQNREFGTQKYEQWIVTVQKACMVFQMPDKDEESRICKALFLYTSHLRKYNDALIISEHARM
KDALDYLKDFFSNVRAAGFDEIEQDLTQRFEEKLQELESVSRDPSNENPKLEDLCFILQEEYHLNPETITILFVKTRALV
DALKNWIEGNPKLSFLKPGILTGRGKTNQNTGMTLPAQKCILDAFKASGDHNILIATSVADEGIDIAQCNLVILYEYVGN
VIKMIQTRGRGRARGSKCFLLTSNAGVIEKEQINMYKEKMMNDSILRLQTWDEAVFREKILHIQTHEKFIRDSQEKPKPV
PDKENKKLLCRKCKALACYTADVRVIEECHYTVLGDAFKECFVSRPHPKPKQFSSFEKRAKIFCARQNCSHDWGIHVKYK
TFEIPVIKIESFVVEDIATGVQTLYSKWKDFHFEKIPFDPAEMSK
;
A
2 'polyribonucleotide' (GTP)GACGUACGUUUCGCGACUGUAGA B
3 'polyribonucleotide' UCUACACAGUCGUUCGACGUACGUCC C
#
loop_
_chem_comp.id
_chem_comp.type
_chem_comp.name
_chem_comp.formula
A RNA linking ADENOSINE-5'-MONOPHOSPHATE 'C10 H14 N5 O7 P'
C RNA linking CYTIDINE-5'-MONOPHOSPHATE 'C9 H14 N3 O8 P'
G RNA linking GUANOSINE-5'-MONOPHOSPHATE 'C10 H14 N5 O8 P'
GTP non-polymer GUANOSINE-5'-TRIPHOSPHATE 'C10 H16 N5 O14 P3'
U RNA linking URIDINE-5'-MONOPHOSPHATE 'C9 H13 N2 O9 P'
ZN non-polymer 'ZINC ION' 'Zn 2'
#
# COMPACT_ATOMS: atom_id res chain seq x y z
N PHE A 241 -20.30 25.63 -11.85
CA PHE A 241 -20.69 26.89 -11.15
C PHE A 241 -22.20 26.94 -10.95
N LYS A 242 -22.94 26.14 -11.73
CA LYS A 242 -24.41 26.09 -11.65
C LYS A 242 -24.82 24.71 -11.13
N PRO A 243 -25.43 24.63 -9.94
CA PRO A 243 -25.87 23.33 -9.42
C PRO A 243 -27.13 22.82 -10.13
N ARG A 244 -27.13 21.54 -10.46
CA ARG A 244 -28.26 20.88 -11.15
C ARG A 244 -29.01 20.00 -10.16
N ASN A 245 -30.08 19.37 -10.65
CA ASN A 245 -30.92 18.47 -9.81
C ASN A 245 -30.09 17.29 -9.32
N TYR A 246 -29.20 16.76 -10.16
CA TYR A 246 -28.36 15.62 -9.78
C TYR A 246 -27.41 16.02 -8.64
N GLN A 247 -26.80 17.19 -8.74
CA GLN A 247 -25.85 17.67 -7.71
C GLN A 247 -26.61 18.12 -6.46
N LEU A 248 -27.90 18.43 -6.56
CA LEU A 248 -28.66 18.97 -5.42
C LEU A 248 -29.36 17.85 -4.64
N GLU A 249 -29.80 16.78 -5.30
CA GLU A 249 -30.51 15.68 -4.60
C GLU A 249 -29.56 14.94 -3.66
N LEU A 250 -28.28 14.84 -3.99
CA LEU A 250 -27.30 14.14 -3.12
C LEU A 250 -27.04 14.99 -1.86
N ALA A 251 -27.08 16.31 -1.97
CA ALA A 251 -26.80 17.22 -0.84
C ALA A 251 -28.07 17.55 -0.06
N LEU A 252 -29.25 17.27 -0.60
CA LEU A 252 -30.52 17.61 0.10
C LEU A 252 -30.59 16.92 1.46
N PRO A 253 -30.32 15.60 1.60
CA PRO A 253 -30.33 14.98 2.93
C PRO A 253 -29.22 15.49 3.86
N ALA A 254 -28.16 16.06 3.30
CA ALA A 254 -27.01 16.58 4.08
C ALA A 254 -27.27 18.00 4.59
N MET A 255 -28.18 18.73 3.96
CA MET A 255 -28.45 20.13 4.38
C MET A 255 -29.42 20.17 5.57
N LYS A 256 -30.14 19.09 5.82
CA LYS A 256 -31.13 19.06 6.93
C LYS A 256 -30.42 19.08 8.29
N GLY A 257 -29.15 18.66 8.33
CA GLY A 257 -28.33 18.69 9.56
C GLY A 257 -28.12 17.30 10.11
N LYS A 258 -27.94 16.32 9.23
CA LYS A 258 -27.70 14.92 9.64
C LYS A 258 -26.54 14.35 8.80
N ASN A 259 -25.86 13.38 9.36
CA ASN A 259 -24.71 12.74 8.68
C ASN A 259 -25.21 11.94 7.48
N THR A 260 -24.32 11.73 6.52
CA THR A 260 -24.69 11.03 5.27
C THR A 260 -23.50 10.26 4.74
N ILE A 261 -23.77 9.28 3.89
CA ILE A 261 -22.74 8.39 3.27
C ILE A 261 -22.79 8.60 1.77
N ILE A 262 -22.91 9.85 1.34
CA ILE A 262 -23.17 10.22 -0.07
C ILE A 262 -22.26 9.41 -1.01
N CYS A 263 -22.85 8.74 -1.98
CA CYS A 263 -22.09 7.92 -2.96
C CYS A 263 -22.31 8.49 -4.35
N ALA A 264 -21.30 9.19 -4.87
CA ALA A 264 -21.32 9.79 -6.22
C ALA A 264 -20.11 9.28 -6.99
N PRO A 265 -20.28 8.63 -8.16
CA PRO A 265 -19.15 8.13 -8.93
C PRO A 265 -18.38 9.23 -9.67
N THR A 266 -19.07 10.29 -10.07
CA THR A 266 -18.44 11.40 -10.81
C THR A 266 -17.47 12.15 -9.89
N GLY A 267 -16.25 12.34 -10.36
CA GLY A 267 -15.22 13.09 -9.61
C GLY A 267 -15.61 14.55 -9.43
N CYS A 268 -16.03 15.20 -10.50
CA CYS A 268 -16.49 16.61 -10.47
C CYS A 268 -17.73 16.72 -9.59
N GLY A 269 -18.58 15.69 -9.60
CA GLY A 269 -19.81 15.70 -8.80
C GLY A 269 -19.49 15.73 -7.32
N LYS A 270 -18.50 14.97 -6.89
CA LYS A 270 -18.12 14.92 -5.47
C LYS A 270 -17.59 16.29 -5.04
N THR A 271 -16.77 16.92 -5.86
CA THR A 271 -16.20 18.24 -5.52
C THR A 271 -17.32 19.28 -5.46
N PHE A 272 -18.25 19.23 -6.41
CA PHE A 272 -19.38 20.19 -6.42
C PHE A 272 -20.27 19.98 -5.20
N VAL A 273 -20.50 18.73 -4.82
CA VAL A 273 -21.31 18.42 -3.61
C VAL A 273 -20.58 18.95 -2.37
N SER A 274 -19.26 18.77 -2.31
CA SER A 274 -18.44 19.30 -1.20
C SER A 274 -18.65 20.81 -1.12
N LEU A 275 -18.50 21.50 -2.24
CA LEU A 275 -18.59 22.99 -2.25
C LEU A 275 -20.00 23.42 -1.84
N LEU A 276 -21.03 22.76 -2.36
CA LEU A 276 -22.42 23.16 -2.06
C LEU A 276 -22.71 22.93 -0.57
N ILE A 277 -22.28 21.80 -0.04
CA ILE A 277 -22.53 21.49 1.40
C ILE A 277 -21.78 22.49 2.26
N CYS A 278 -20.53 22.81 1.90
CA CYS A 278 -19.71 23.77 2.69
C CYS A 278 -20.39 25.15 2.66
N GLU A 279 -20.89 25.57 1.50
CA GLU A 279 -21.55 26.89 1.38
C GLU A 279 -22.80 26.91 2.24
N HIS A 280 -23.65 25.89 2.12
CA HIS A 280 -24.92 25.85 2.87
C HIS A 280 -24.66 25.72 4.37
N HIS A 281 -23.53 25.14 4.76
CA HIS A 281 -23.20 24.96 6.19
C HIS A 281 -22.66 26.27 6.77
N LEU A 282 -21.76 26.93 6.06
CA LEU A 282 -21.15 28.18 6.57
C LEU A 282 -22.13 29.34 6.45
N LYS A 283 -23.15 29.24 5.60
CA LYS A 283 -24.11 30.34 5.39
C LYS A 283 -25.30 30.24 6.36
N LYS A 284 -25.62 29.04 6.85
CA LYS A 284 -26.83 28.85 7.70
C LYS A 284 -26.58 29.31 9.14
N PHE A 285 -25.36 29.70 9.49
CA PHE A 285 -25.07 30.16 10.87
C PHE A 285 -25.39 31.63 11.01
N PRO A 286 -25.95 32.04 12.16
CA PRO A 286 -26.24 33.45 12.42
C PRO A 286 -24.97 34.24 12.78
N GLN A 287 -25.17 35.50 13.14
CA GLN A 287 -24.06 36.40 13.54
C GLN A 287 -23.41 35.90 14.82
N GLY A 288 -22.11 36.16 14.94
CA GLY A 288 -21.30 35.79 16.11
C GLY A 288 -20.75 34.37 16.01
N GLN A 289 -21.53 33.43 15.46
CA GLN A 289 -21.08 32.03 15.32
C GLN A 289 -20.41 31.86 13.95
N LYS A 290 -19.50 30.91 13.87
CA LYS A 290 -18.77 30.63 12.61
C LYS A 290 -18.42 29.15 12.56
N GLY A 291 -18.47 28.58 11.36
CA GLY A 291 -18.19 27.17 11.13
C GLY A 291 -16.70 26.88 11.07
N LYS A 292 -16.35 25.63 11.30
CA LYS A 292 -14.94 25.16 11.22
C LYS A 292 -14.91 23.87 10.41
N VAL A 293 -15.55 23.87 9.26
CA VAL A 293 -15.63 22.67 8.41
C VAL A 293 -14.21 22.19 8.05
N VAL A 294 -13.98 20.90 8.18
CA VAL A 294 -12.67 20.28 7.86
C VAL A 294 -12.90 19.20 6.81
N PHE A 295 -12.07 19.21 5.78
CA PHE A 295 -12.12 18.23 4.67
C PHE A 295 -10.94 17.28 4.81
N PHE A 296 -11.22 15.99 4.93
CA PHE A 296 -10.19 14.95 5.09
C PHE A 296 -9.89 14.32 3.73
N ALA A 297 -8.79 14.71 3.12
CA ALA A 297 -8.29 14.13 1.86
C ALA A 297 -7.19 13.12 2.19
N ASN A 298 -7.17 12.00 1.49
CA ASN A 298 -6.27 10.88 1.84
C ASN A 298 -4.91 11.03 1.16
N GLN A 299 -4.90 11.45 -0.09
CA GLN A 299 -3.67 11.53 -0.91
C GLN A 299 -3.29 12.98 -1.15
N ILE A 300 -2.03 13.19 -1.48
CA ILE A 300 -1.46 14.56 -1.68
C ILE A 300 -1.98 15.17 -2.98
N PRO A 301 -2.04 14.44 -4.11
CA PRO A 301 -2.61 15.03 -5.32
C PRO A 301 -4.05 15.53 -5.16
N VAL A 302 -4.94 14.67 -4.70
CA VAL A 302 -6.35 15.05 -4.46
C VAL A 302 -6.42 16.11 -3.36
N TYR A 303 -5.51 16.06 -2.39
CA TYR A 303 -5.43 17.07 -1.33
C TYR A 303 -5.18 18.46 -1.94
N GLU A 304 -4.14 18.56 -2.76
CA GLU A 304 -3.77 19.87 -3.38
C GLU A 304 -4.89 20.30 -4.34
N GLN A 305 -5.51 19.35 -5.04
CA GLN A 305 -6.60 19.68 -5.99
C GLN A 305 -7.77 20.29 -5.22
N GLN A 306 -8.19 19.64 -4.14
CA GLN A 306 -9.32 20.16 -3.32
C GLN A 306 -8.92 21.48 -2.68
N LYS A 307 -7.68 21.63 -2.26
CA LYS A 307 -7.22 22.90 -1.64
C LYS A 307 -7.34 24.04 -2.66
N SER A 308 -6.87 23.80 -3.88
CA SER A 308 -6.93 24.82 -4.96
C SER A 308 -8.39 25.14 -5.26
N VAL A 309 -9.23 24.12 -5.35
CA VAL A 309 -10.66 24.32 -5.71
C VAL A 309 -11.33 25.16 -4.62
N PHE A 310 -11.11 24.81 -3.37
CA PHE A 310 -11.76 25.54 -2.23
C PHE A 310 -11.22 26.96 -2.15
N SER A 311 -9.94 27.16 -2.38
CA SER A 311 -9.32 28.51 -2.30
C SER A 311 -9.85 29.38 -3.46
N LYS A 312 -10.12 28.76 -4.61
CA LYS A 312 -10.65 29.52 -5.77
C LYS A 312 -12.14 29.81 -5.56
N TYR A 313 -12.87 28.92 -4.91
CA TYR A 313 -14.33 29.12 -4.72
C TYR A 313 -14.59 30.11 -3.59
N PHE A 314 -14.17 29.77 -2.37
CA PHE A 314 -14.45 30.61 -1.18
C PHE A 314 -13.43 31.75 -1.11
N GLU A 315 -13.48 32.63 -2.11
CA GLU A 315 -12.60 33.82 -2.16
C GLU A 315 -13.44 35.09 -2.02
N ARG A 316 -14.52 35.20 -2.78
CA ARG A 316 -15.41 36.39 -2.74
C ARG A 316 -16.38 36.32 -1.56
N HIS A 317 -16.51 35.16 -0.93
CA HIS A 317 -17.46 34.98 0.22
C HIS A 317 -16.85 35.51 1.52
N GLY A 318 -15.54 35.70 1.57
CA GLY A 318 -14.84 36.18 2.78
C GLY A 318 -14.59 35.05 3.76
N TYR A 319 -14.10 33.92 3.25
CA TYR A 319 -13.77 32.74 4.08
C TYR A 319 -12.29 32.43 3.94
N ARG A 320 -11.65 32.09 5.04
CA ARG A 320 -10.19 31.82 5.06
C ARG A 320 -9.97 30.33 4.83
N VAL A 321 -9.38 29.98 3.71
CA VAL A 321 -9.07 28.57 3.36
C VAL A 321 -7.56 28.38 3.41
N THR A 322 -7.14 27.29 4.04
CA THR A 322 -5.70 26.94 4.12
C THR A 322 -5.55 25.44 3.96
N GLY A 323 -4.37 24.93 4.30
CA GLY A 323 -4.06 23.51 4.17
C GLY A 323 -2.91 23.12 5.07
N ILE A 324 -2.99 21.92 5.63
CA ILE A 324 -1.92 21.36 6.49
C ILE A 324 -1.54 20.00 5.90
N SER A 325 -0.31 19.85 5.45
CA SER A 325 0.20 18.60 4.84
C SER A 325 1.42 18.11 5.62
N GLY A 326 2.00 17.00 5.15
CA GLY A 326 3.21 16.41 5.74
C GLY A 326 4.41 17.34 5.66
N ALA A 327 4.51 18.16 4.60
CA ALA A 327 5.64 19.08 4.38
C ALA A 327 5.29 20.48 4.89
N THR A 328 4.19 20.64 5.62
CA THR A 328 3.76 21.97 6.11
C THR A 328 3.51 21.98 7.62
N ALA A 329 3.42 20.82 8.27
CA ALA A 329 3.10 20.71 9.70
C ALA A 329 4.38 20.52 10.54
N GLU A 330 5.48 21.16 10.15
CA GLU A 330 6.76 21.04 10.90
C GLU A 330 6.95 22.31 11.72
N ASN A 331 6.84 22.21 13.05
CA ASN A 331 7.05 23.34 13.98
C ASN A 331 6.09 24.48 13.63
N VAL A 332 4.83 24.14 13.36
CA VAL A 332 3.79 25.14 12.98
C VAL A 332 2.66 25.02 13.97
N PRO A 333 2.11 26.14 14.47
CA PRO A 333 1.00 26.08 15.42
C PRO A 333 -0.31 25.63 14.75
N VAL A 334 -0.50 24.32 14.68
CA VAL A 334 -1.71 23.72 14.07
C VAL A 334 -2.94 24.21 14.85
N GLU A 335 -2.80 24.39 16.16
CA GLU A 335 -3.92 24.90 16.99
C GLU A 335 -4.30 26.31 16.54
N GLN A 336 -3.30 27.17 16.32
CA GLN A 336 -3.57 28.56 15.89
C GLN A 336 -4.16 28.54 14.47
N ILE A 337 -3.68 27.64 13.62
CA ILE A 337 -4.23 27.53 12.24
C ILE A 337 -5.72 27.17 12.32
N VAL A 338 -6.05 26.19 13.16
CA VAL A 338 -7.46 25.75 13.30
C VAL A 338 -8.30 26.88 13.88
N GLU A 339 -7.75 27.61 14.85
CA GLU A 339 -8.50 28.70 15.52
C GLU A 339 -8.68 29.91 14.61
N ASN A 340 -7.79 30.14 13.66
CA ASN A 340 -7.86 31.34 12.77
C ASN A 340 -8.39 30.98 11.38
N ASN A 341 -8.66 29.71 11.11
CA ASN A 341 -9.21 29.28 9.80
C ASN A 341 -10.53 28.55 10.01
N ASP A 342 -11.26 28.34 8.92
CA ASP A 342 -12.62 27.75 8.98
C ASP A 342 -12.75 26.57 8.03
N ILE A 343 -11.97 26.51 6.96
CA ILE A 343 -12.15 25.48 5.91
C ILE A 343 -10.84 24.70 5.78
N ILE A 344 -10.18 24.48 6.91
CA ILE A 344 -8.94 23.67 6.94
C ILE A 344 -9.16 22.32 6.26
N ILE A 345 -8.19 21.89 5.47
CA ILE A 345 -8.28 20.64 4.67
C ILE A 345 -7.16 19.72 5.10
N LEU A 346 -6.84 19.74 6.38
CA LEU A 346 -5.73 18.92 6.93
C LEU A 346 -5.99 17.43 6.64
N THR A 347 -4.96 16.68 6.30
CA THR A 347 -5.11 15.24 6.09
C THR A 347 -5.42 14.57 7.42
N PRO A 348 -5.93 13.32 7.40
CA PRO A 348 -6.35 12.64 8.64
C PRO A 348 -5.21 12.22 9.58
N GLN A 349 -4.06 11.85 9.03
CA GLN A 349 -2.92 11.43 9.88
C GLN A 349 -2.45 12.60 10.74
N ILE A 350 -2.49 13.82 10.20
CA ILE A 350 -2.11 15.02 10.99
C ILE A 350 -3.05 15.17 12.18
N LEU A 351 -4.35 15.01 11.96
CA LEU A 351 -5.31 15.15 13.07
C LEU A 351 -5.11 14.00 14.07
N VAL A 352 -4.80 12.81 13.59
CA VAL A 352 -4.55 11.66 14.51
C VAL A 352 -3.33 11.97 15.39
N ASN A 353 -2.26 12.45 14.78
CA ASN A 353 -1.03 12.79 15.52
C ASN A 353 -1.33 13.91 16.53
N ASN A 354 -2.14 14.89 16.13
CA ASN A 354 -2.48 16.01 17.04
C ASN A 354 -3.31 15.49 18.21
N LEU A 355 -4.25 14.59 17.96
CA LEU A 355 -5.09 14.02 19.04
C LEU A 355 -4.21 13.18 19.98
N LYS A 356 -3.21 12.48 19.43
CA LYS A 356 -2.31 11.65 20.27
C LYS A 356 -1.42 12.56 21.12
N LYS A 357 -0.92 13.66 20.55
CA LYS A 357 0.01 14.56 21.26
C LYS A 357 -0.74 15.33 22.35
N GLY A 358 -1.89 15.91 22.00
CA GLY A 358 -2.72 16.67 22.95
C GLY A 358 -3.28 17.92 22.32
N THR A 359 -2.73 18.36 21.19
CA THR A 359 -3.28 19.51 20.44
C THR A 359 -4.68 19.17 19.95
N ILE A 360 -5.56 20.16 19.96
CA ILE A 360 -7.00 20.00 19.60
C ILE A 360 -7.56 18.86 20.45
N PRO A 361 -7.77 19.07 21.77
CA PRO A 361 -8.21 17.99 22.65
C PRO A 361 -9.52 17.33 22.21
N SER A 362 -10.54 18.14 21.95
CA SER A 362 -11.89 17.67 21.57
C SER A 362 -12.15 18.02 20.11
N LEU A 363 -12.84 17.14 19.40
CA LEU A 363 -13.24 17.39 18.00
C LEU A 363 -14.39 18.39 17.93
N SER A 364 -14.99 18.76 19.06
CA SER A 364 -16.11 19.73 19.11
C SER A 364 -15.69 21.09 18.54
N ILE A 365 -14.39 21.33 18.38
CA ILE A 365 -13.92 22.59 17.75
C ILE A 365 -14.38 22.62 16.29
N PHE A 366 -14.44 21.48 15.65
CA PHE A 366 -14.93 21.39 14.25
C PHE A 366 -16.46 21.42 14.25
N THR A 367 -17.03 21.60 13.07
CA THR A 367 -18.50 21.60 12.92
C THR A 367 -18.98 20.72 11.77
N LEU A 368 -18.13 20.41 10.79
CA LEU A 368 -18.55 19.58 9.65
C LEU A 368 -17.33 18.84 9.11
N MET A 369 -17.29 17.54 9.34
CA MET A 369 -16.17 16.70 8.85
C MET A 369 -16.58 16.06 7.53
N ILE A 370 -15.97 16.50 6.44
CA ILE A 370 -16.25 15.96 5.09
C ILE A 370 -15.08 15.07 4.69
N PHE A 371 -15.30 13.76 4.70
CA PHE A 371 -14.26 12.80 4.28
C PHE A 371 -14.25 12.68 2.76
N ASP A 372 -13.12 12.28 2.23
CA ASP A 372 -12.98 11.95 0.79
C ASP A 372 -12.64 10.47 0.68
N GLU A 373 -13.44 9.75 -0.11
CA GLU A 373 -13.30 8.27 -0.27
C GLU A 373 -13.42 7.62 1.10
N CYS A 374 -14.57 7.81 1.73
CA CYS A 374 -14.83 7.38 3.12
C CYS A 374 -14.88 5.86 3.24
N HIS A 375 -14.99 5.12 2.14
CA HIS A 375 -15.09 3.64 2.19
C HIS A 375 -13.82 3.01 2.76
N ASN A 376 -12.76 3.79 2.93
CA ASN A 376 -11.51 3.30 3.56
C ASN A 376 -11.65 3.24 5.07
N THR A 377 -12.73 3.76 5.65
CA THR A 377 -12.93 3.74 7.12
C THR A 377 -13.30 2.32 7.55
N SER A 378 -12.33 1.41 7.59
CA SER A 378 -12.60 -0.02 7.88
C SER A 378 -11.94 -0.42 9.21
N LYS A 379 -10.63 -0.28 9.32
CA LYS A 379 -9.92 -0.73 10.53
C LYS A 379 -8.54 -0.09 10.56
N GLN A 380 -8.21 0.58 11.67
CA GLN A 380 -6.88 1.14 11.97
C GLN A 380 -6.48 2.21 10.93
N HIS A 381 -7.36 2.53 9.99
CA HIS A 381 -7.11 3.66 9.05
C HIS A 381 -7.11 4.94 9.84
N PRO A 382 -6.43 6.01 9.39
CA PRO A 382 -6.58 7.32 10.01
C PRO A 382 -8.03 7.80 10.11
N TYR A 383 -8.83 7.55 9.09
CA TYR A 383 -10.29 7.84 9.14
C TYR A 383 -10.93 7.06 10.29
N ASN A 384 -10.58 5.79 10.41
CA ASN A 384 -11.16 4.92 11.45
C ASN A 384 -10.70 5.39 12.84
N MET A 385 -9.48 5.90 12.97
CA MET A 385 -8.97 6.37 14.28
C MET A 385 -9.68 7.68 14.65
N ILE A 386 -9.86 8.58 13.69
CA ILE A 386 -10.62 9.83 13.94
C ILE A 386 -12.04 9.46 14.35
N MET A 387 -12.63 8.47 13.70
CA MET A 387 -14.01 8.07 14.04
C MET A 387 -14.06 7.39 15.41
N PHE A 388 -13.04 6.63 15.77
CA PHE A 388 -12.95 6.04 17.13
C PHE A 388 -12.91 7.15 18.17
N ASN A 389 -12.09 8.17 17.94
CA ASN A 389 -11.99 9.31 18.89
C ASN A 389 -13.33 10.02 18.98
N TYR A 390 -13.98 10.24 17.83
CA TYR A 390 -15.30 10.94 17.79
C TYR A 390 -16.35 10.12 18.56
N LEU A 391 -16.40 8.82 18.32
CA LEU A 391 -17.41 7.96 18.98
C LEU A 391 -17.11 7.88 20.47
N ASP A 392 -15.85 7.88 20.86
CA ASP A 392 -15.48 7.87 22.30
C ASP A 392 -15.96 9.17 22.95
N GLN A 393 -15.65 10.30 22.34
CA GLN A 393 -16.05 11.62 22.89
C GLN A 393 -17.58 11.74 22.90
N LYS A 394 -18.27 11.06 21.99
CA LYS A 394 -19.76 11.13 21.92
C LYS A 394 -20.36 10.25 23.03
N LEU A 395 -20.06 8.95 23.01
CA LEU A 395 -20.71 7.98 23.93
C LEU A 395 -20.14 8.12 25.36
N GLY A 396 -19.07 8.89 25.57
CA GLY A 396 -18.48 9.10 26.91
C GLY A 396 -19.39 9.85 27.86
N GLY A 397 -20.40 10.55 27.33
CA GLY A 397 -21.38 11.32 28.12
C GLY A 397 -21.05 12.80 28.16
N SER A 398 -20.01 13.25 27.45
CA SER A 398 -19.63 14.68 27.33
C SER A 398 -19.85 15.14 25.89
N SER A 399 -20.92 14.69 25.24
CA SER A 399 -21.23 15.05 23.84
C SER A 399 -21.61 16.53 23.78
N GLY A 400 -20.69 17.38 23.35
CA GLY A 400 -20.95 18.81 23.20
C GLY A 400 -21.38 19.14 21.77
N PRO A 401 -20.87 20.24 21.20
CA PRO A 401 -21.18 20.59 19.82
C PRO A 401 -20.47 19.65 18.83
N LEU A 402 -21.02 18.46 18.66
CA LEU A 402 -20.40 17.44 17.77
C LEU A 402 -20.51 17.89 16.33
N PRO A 403 -19.47 17.62 15.51
CA PRO A 403 -19.49 17.97 14.11
C PRO A 403 -20.20 16.91 13.24
N GLN A 404 -20.69 17.36 12.10
CA GLN A 404 -21.31 16.44 11.12
C GLN A 404 -20.23 15.57 10.47
N VAL A 405 -20.61 14.36 10.12
CA VAL A 405 -19.65 13.33 9.66
C VAL A 405 -20.02 12.94 8.23
N ILE A 406 -20.49 13.90 7.45
CA ILE A 406 -20.86 13.67 6.03
C ILE A 406 -19.65 13.07 5.30
N GLY A 407 -19.82 11.87 4.76
CA GLY A 407 -18.81 11.16 4.00
C GLY A 407 -19.17 11.09 2.53
N LEU A 408 -18.16 11.07 1.67
CA LEU A 408 -18.36 11.01 0.20
C LEU A 408 -17.57 9.84 -0.35
N THR A 409 -18.18 9.07 -1.23
CA THR A 409 -17.52 7.90 -1.84
C THR A 409 -18.15 7.63 -3.20
N ALA A 410 -17.69 6.57 -3.84
CA ALA A 410 -18.23 6.10 -5.13
C ALA A 410 -18.85 4.71 -4.99
N SER A 411 -18.28 3.83 -4.17
CA SER A 411 -18.83 2.49 -3.92
C SER A 411 -18.70 2.20 -2.43
N VAL A 412 -19.81 1.89 -1.78
CA VAL A 412 -19.81 1.59 -0.33
C VAL A 412 -18.98 0.32 -0.08
N GLY A 413 -18.97 -0.60 -1.04
CA GLY A 413 -18.13 -1.81 -0.98
C GLY A 413 -18.80 -2.95 -0.22
N VAL A 414 -18.27 -4.15 -0.40
CA VAL A 414 -18.84 -5.38 0.22
C VAL A 414 -17.81 -6.03 1.13
N GLY A 415 -16.58 -6.19 0.65
CA GLY A 415 -15.51 -6.82 1.44
C GLY A 415 -15.49 -8.33 1.24
N ASP A 416 -15.76 -9.09 2.30
CA ASP A 416 -15.70 -10.57 2.25
C ASP A 416 -17.10 -11.16 2.47
N ALA A 417 -18.15 -10.38 2.29
CA ALA A 417 -19.54 -10.88 2.49
C ALA A 417 -19.90 -11.84 1.35
N LYS A 418 -20.80 -12.77 1.66
CA LYS A 418 -21.23 -13.81 0.68
C LYS A 418 -22.68 -13.58 0.27
N ASN A 419 -23.60 -13.48 1.23
CA ASN A 419 -25.05 -13.32 0.92
C ASN A 419 -25.49 -11.89 1.25
N THR A 420 -26.72 -11.58 0.88
CA THR A 420 -27.30 -10.25 1.11
C THR A 420 -27.30 -9.92 2.61
N ASP A 421 -27.46 -10.92 3.46
CA ASP A 421 -27.45 -10.69 4.93
C ASP A 421 -26.10 -10.11 5.36
N GLU A 422 -25.02 -10.78 4.99
CA GLU A 422 -23.67 -10.32 5.40
C GLU A 422 -23.34 -9.01 4.67
N ALA A 423 -23.81 -8.81 3.44
CA ALA A 423 -23.56 -7.54 2.72
C ALA A 423 -24.22 -6.38 3.47
N LEU A 424 -25.49 -6.54 3.84
CA LEU A 424 -26.22 -5.48 4.59
C LEU A 424 -25.55 -5.29 5.95
N ASP A 425 -25.08 -6.37 6.57
CA ASP A 425 -24.42 -6.27 7.89
C ASP A 425 -23.14 -5.44 7.76
N TYR A 426 -22.35 -5.70 6.71
CA TYR A 426 -21.10 -4.93 6.50
C TYR A 426 -21.42 -3.46 6.21
N ILE A 427 -22.45 -3.20 5.41
CA ILE A 427 -22.79 -1.79 5.07
C ILE A 427 -23.28 -1.08 6.33
N CYS A 428 -24.07 -1.76 7.16
CA CYS A 428 -24.56 -1.16 8.43
C CYS A 428 -23.38 -0.93 9.38
N LYS A 429 -22.42 -1.84 9.40
CA LYS A 429 -21.22 -1.68 10.26
C LYS A 429 -20.44 -0.45 9.78
N LEU A 430 -20.29 -0.26 8.48
CA LEU A 430 -19.58 0.93 7.94
C LEU A 430 -20.37 2.19 8.30
N CYS A 431 -21.68 2.17 8.15
CA CYS A 431 -22.53 3.35 8.46
C CYS A 431 -22.42 3.69 9.94
N ALA A 432 -22.31 2.69 10.81
CA ALA A 432 -22.18 2.93 12.26
C ALA A 432 -20.77 3.44 12.57
N SER A 433 -19.76 2.90 11.91
CA SER A 433 -18.35 3.33 12.13
C SER A 433 -18.18 4.78 11.69
N LEU A 434 -18.94 5.22 10.69
CA LEU A 434 -18.91 6.62 10.24
C LEU A 434 -20.08 7.40 10.85
N ASP A 435 -20.95 6.75 11.61
CA ASP A 435 -21.99 7.42 12.42
C ASP A 435 -22.92 8.23 11.51
N ALA A 436 -23.66 7.54 10.65
CA ALA A 436 -24.68 8.16 9.80
C ALA A 436 -25.85 7.21 9.62
N SER A 437 -27.01 7.79 9.33
CA SER A 437 -28.26 7.04 9.12
C SER A 437 -28.82 7.25 7.72
N VAL A 438 -28.14 8.03 6.87
CA VAL A 438 -28.63 8.30 5.50
C VAL A 438 -27.52 7.98 4.52
N ILE A 439 -27.87 7.33 3.41
CA ILE A 439 -26.94 7.11 2.28
C ILE A 439 -27.50 7.83 1.07
N ALA A 440 -26.88 8.93 0.68
CA ALA A 440 -27.35 9.72 -0.48
C ALA A 440 -26.98 8.99 -1.77
N THR A 441 -28.00 8.56 -2.51
CA THR A 441 -27.82 7.90 -3.81
C THR A 441 -28.93 8.36 -4.75
N VAL A 442 -28.60 8.59 -6.00
CA VAL A 442 -29.57 9.12 -6.98
C VAL A 442 -30.62 8.06 -7.30
N LYS A 443 -31.89 8.40 -7.11
CA LYS A 443 -33.02 7.50 -7.45
C LYS A 443 -34.04 8.17 -8.37
N HIS A 444 -34.20 9.48 -8.33
CA HIS A 444 -35.21 10.20 -9.16
C HIS A 444 -34.55 10.84 -10.40
N ASN A 445 -33.23 11.00 -10.41
CA ASN A 445 -32.50 11.64 -11.52
C ASN A 445 -31.41 10.70 -12.02
N LEU A 446 -31.77 9.44 -12.24
CA LEU A 446 -30.78 8.41 -12.67
C LEU A 446 -30.26 8.72 -14.07
N GLU A 447 -31.02 9.45 -14.89
CA GLU A 447 -30.60 9.76 -16.28
C GLU A 447 -29.39 10.69 -16.27
N GLU A 448 -29.33 11.62 -15.33
CA GLU A 448 -28.19 12.57 -15.26
C GLU A 448 -26.90 11.80 -14.95
N LEU A 449 -26.98 10.72 -14.18
CA LEU A 449 -25.77 9.89 -13.94
C LEU A 449 -25.52 8.97 -15.12
N GLU A 450 -26.57 8.42 -15.73
CA GLU A 450 -26.42 7.47 -16.87
C GLU A 450 -25.78 8.20 -18.05
N GLN A 451 -25.97 9.52 -18.14
CA GLN A 451 -25.31 10.33 -19.19
C GLN A 451 -23.79 10.14 -19.13
N VAL A 452 -23.22 10.28 -17.95
CA VAL A 452 -21.76 10.04 -17.74
C VAL A 452 -21.57 9.26 -16.44
N VAL A 453 -21.37 7.96 -16.56
CA VAL A 453 -21.21 7.07 -15.38
C VAL A 453 -19.97 6.22 -15.56
N TYR A 454 -19.47 6.10 -16.79
CA TYR A 454 -18.27 5.31 -17.14
C TYR A 454 -18.48 3.86 -16.72
N LYS A 455 -19.46 3.21 -17.33
CA LYS A 455 -19.70 1.76 -17.16
C LYS A 455 -19.14 1.03 -18.37
N PRO A 456 -17.95 0.40 -18.26
CA PRO A 456 -17.39 -0.34 -19.38
C PRO A 456 -18.03 -1.73 -19.52
N GLN A 457 -17.53 -2.49 -20.48
CA GLN A 457 -17.96 -3.89 -20.71
C GLN A 457 -16.74 -4.80 -20.54
N LYS A 458 -16.96 -5.95 -19.92
CA LYS A 458 -15.87 -6.91 -19.65
C LYS A 458 -15.76 -7.90 -20.81
N PHE A 459 -14.54 -8.27 -21.14
CA PHE A 459 -14.27 -9.24 -22.23
C PHE A 459 -13.22 -10.24 -21.76
N PHE A 460 -13.47 -10.89 -20.63
CA PHE A 460 -12.58 -11.91 -20.04
C PHE A 460 -12.08 -12.86 -21.13
N ARG A 461 -10.76 -13.06 -21.19
CA ARG A 461 -10.14 -13.96 -22.18
C ARG A 461 -9.28 -14.97 -21.42
N LYS A 462 -9.88 -16.09 -21.05
CA LYS A 462 -9.15 -17.21 -20.43
C LYS A 462 -8.24 -17.86 -21.48
N VAL A 463 -6.94 -17.76 -21.29
CA VAL A 463 -5.96 -18.30 -22.26
C VAL A 463 -4.99 -19.23 -21.54
N GLU A 464 -4.36 -20.10 -22.30
CA GLU A 464 -3.45 -21.14 -21.76
C GLU A 464 -2.03 -20.58 -21.68
N SER A 465 -1.14 -21.32 -21.01
CA SER A 465 0.29 -20.97 -20.89
C SER A 465 1.11 -21.77 -21.90
N ARG A 466 2.42 -21.65 -21.78
CA ARG A 466 3.36 -22.37 -22.67
C ARG A 466 3.33 -23.87 -22.36
N ILE A 467 3.92 -24.66 -23.24
CA ILE A 467 4.00 -26.14 -23.08
C ILE A 467 5.47 -26.54 -23.00
N SER A 468 6.24 -26.22 -24.03
CA SER A 468 7.69 -26.57 -24.09
C SER A 468 8.47 -25.54 -23.28
N ASP A 469 8.56 -25.76 -21.98
CA ASP A 469 9.22 -24.78 -21.06
C ASP A 469 10.67 -25.20 -20.84
N LYS A 470 11.48 -25.02 -21.87
CA LYS A 470 12.91 -25.37 -21.81
C LYS A 470 13.62 -24.42 -20.84
N PHE A 471 13.29 -23.14 -20.89
CA PHE A 471 13.86 -22.14 -19.96
C PHE A 471 13.52 -22.52 -18.52
N LYS A 472 12.26 -22.83 -18.27
CA LYS A 472 11.82 -23.21 -16.91
C LYS A 472 12.54 -24.48 -16.48
N TYR A 473 12.72 -25.44 -17.38
CA TYR A 473 13.41 -26.71 -17.04
C TYR A 473 14.86 -26.43 -16.65
N ILE A 474 15.54 -25.58 -17.43
CA ILE A 474 16.96 -25.25 -17.15
C ILE A 474 17.06 -24.53 -15.81
N ILE A 475 16.16 -23.59 -15.55
CA ILE A 475 16.21 -22.82 -14.28
C ILE A 475 15.87 -23.76 -13.12
N ALA A 476 14.98 -24.71 -13.32
CA ALA A 476 14.62 -25.68 -12.27
C ALA A 476 15.83 -26.57 -11.97
N GLN A 477 16.54 -27.01 -13.00
CA GLN A 477 17.76 -27.84 -12.79
C GLN A 477 18.80 -27.00 -12.04
N LEU A 478 18.95 -25.73 -12.40
CA LEU A 478 19.92 -24.85 -11.71
C LEU A 478 19.54 -24.70 -10.24
N MET A 479 18.25 -24.51 -9.95
CA MET A 479 17.79 -24.33 -8.56
C MET A 479 17.97 -25.64 -7.79
N ARG A 480 17.74 -26.77 -8.43
CA ARG A 480 17.93 -28.09 -7.76
C ARG A 480 19.42 -28.27 -7.43
N ASP A 481 20.31 -27.92 -8.36
CA ASP A 481 21.77 -28.02 -8.10
C ASP A 481 22.15 -27.07 -6.97
N THR A 482 21.60 -25.88 -6.95
CA THR A 482 21.92 -24.89 -5.90
C THR A 482 21.47 -25.42 -4.54
N GLU A 483 20.27 -25.98 -4.47
CA GLU A 483 19.74 -26.53 -3.19
C GLU A 483 20.57 -27.73 -2.76
N SER A 484 20.98 -28.57 -3.71
CA SER A 484 21.78 -29.79 -3.40
C SER A 484 23.15 -29.36 -2.85
N LEU A 485 23.75 -28.33 -3.43
CA LEU A 485 25.08 -27.87 -2.97
C LEU A 485 24.95 -27.03 -1.70
N ALA A 486 23.77 -26.47 -1.42
CA ALA A 486 23.54 -25.71 -0.17
C ALA A 486 23.26 -26.66 1.00
N LYS A 487 22.64 -27.81 0.73
CA LYS A 487 22.33 -28.80 1.80
C LYS A 487 23.60 -29.45 2.34
N ARG A 488 24.78 -29.13 1.81
CA ARG A 488 26.06 -29.72 2.30
C ARG A 488 26.43 -29.16 3.68
N ILE A 489 25.95 -27.99 4.06
CA ILE A 489 26.31 -27.36 5.35
C ILE A 489 25.14 -27.42 6.33
N CYS A 490 23.92 -27.67 5.86
CA CYS A 490 22.72 -27.78 6.72
C CYS A 490 22.00 -29.07 6.35
N LYS A 491 22.24 -30.13 7.10
CA LYS A 491 21.66 -31.46 6.78
C LYS A 491 20.16 -31.46 7.03
N ASP A 492 19.67 -30.58 7.90
CA ASP A 492 18.24 -30.55 8.31
C ASP A 492 17.54 -29.38 7.63
N LEU A 493 17.87 -29.07 6.38
CA LEU A 493 17.25 -27.92 5.67
C LEU A 493 15.77 -28.20 5.40
N GLU A 494 15.39 -29.47 5.21
CA GLU A 494 13.98 -29.83 4.92
C GLU A 494 13.13 -29.78 6.19
N ASN A 495 13.72 -29.89 7.37
CA ASN A 495 12.97 -29.94 8.64
C ASN A 495 12.75 -28.54 9.21
N LEU A 496 13.22 -27.50 8.56
CA LEU A 496 13.08 -26.12 9.11
C LEU A 496 11.71 -25.55 8.75
N SER A 497 11.23 -25.81 7.53
CA SER A 497 9.92 -25.30 7.06
C SER A 497 9.07 -26.50 6.64
N GLN A 498 8.04 -26.82 7.43
CA GLN A 498 7.14 -27.95 7.14
C GLN A 498 5.76 -27.39 6.81
N ILE A 499 5.45 -27.30 5.52
CA ILE A 499 4.13 -26.81 5.06
C ILE A 499 3.50 -27.87 4.17
N GLN A 500 4.16 -28.23 3.08
CA GLN A 500 3.66 -29.16 2.03
C GLN A 500 4.80 -29.35 1.03
N ASN A 501 4.53 -30.08 -0.05
CA ASN A 501 5.47 -30.18 -1.19
C ASN A 501 5.59 -28.81 -1.85
N ARG A 502 6.77 -28.51 -2.37
CA ARG A 502 7.05 -27.20 -3.01
C ARG A 502 7.48 -27.43 -4.46
N GLU A 503 7.18 -26.47 -5.31
CA GLU A 503 7.56 -26.50 -6.74
C GLU A 503 8.16 -25.15 -7.12
N PHE A 504 9.16 -25.17 -7.98
CA PHE A 504 9.89 -23.94 -8.37
C PHE A 504 8.97 -23.03 -9.17
N GLY A 505 9.03 -21.74 -8.87
CA GLY A 505 8.25 -20.70 -9.58
C GLY A 505 6.87 -20.52 -8.99
N THR A 506 6.72 -20.63 -7.67
CA THR A 506 5.41 -20.45 -7.01
C THR A 506 5.57 -19.54 -5.80
N GLN A 507 4.49 -18.89 -5.43
CA GLN A 507 4.43 -18.05 -4.21
C GLN A 507 4.63 -18.94 -2.98
N LYS A 508 4.16 -20.18 -3.02
CA LYS A 508 4.40 -21.13 -1.91
C LYS A 508 5.89 -21.37 -1.79
N TYR A 509 6.59 -21.53 -2.91
CA TYR A 509 8.05 -21.76 -2.88
C TYR A 509 8.76 -20.50 -2.37
N GLU A 510 8.28 -19.32 -2.73
CA GLU A 510 8.88 -18.06 -2.24
C GLU A 510 8.71 -17.98 -0.72
N GLN A 511 7.53 -18.33 -0.22
CA GLN A 511 7.26 -18.31 1.24
C GLN A 511 8.16 -19.33 1.94
N TRP A 512 8.32 -20.51 1.34
CA TRP A 512 9.21 -21.55 1.91
C TRP A 512 10.65 -21.05 1.94
N ILE A 513 11.05 -20.32 0.90
CA ILE A 513 12.43 -19.75 0.83
C ILE A 513 12.60 -18.74 1.96
N VAL A 514 11.64 -17.85 2.15
CA VAL A 514 11.74 -16.82 3.21
C VAL A 514 11.78 -17.52 4.57
N THR A 515 10.97 -18.57 4.75
CA THR A 515 10.89 -19.26 6.05
C THR A 515 12.21 -19.98 6.34
N VAL A 516 12.77 -20.67 5.36
CA VAL A 516 14.03 -21.42 5.58
C VAL A 516 15.17 -20.40 5.77
N GLN A 517 15.07 -19.23 5.16
CA GLN A 517 16.07 -18.16 5.41
C GLN A 517 16.00 -17.71 6.88
N LYS A 518 14.81 -17.36 7.35
CA LYS A 518 14.63 -16.90 8.75
C LYS A 518 14.96 -18.03 9.72
N ALA A 519 14.88 -19.29 9.29
CA ALA A 519 15.22 -20.45 10.15
C ALA A 519 16.73 -20.70 10.18
N CYS A 520 17.42 -20.47 9.06
CA CYS A 520 18.90 -20.62 8.98
C CYS A 520 19.60 -19.38 9.55
N MET A 521 18.87 -18.30 9.81
CA MET A 521 19.46 -17.05 10.33
C MET A 521 19.55 -17.08 11.86
N VAL A 522 19.26 -18.21 12.52
CA VAL A 522 19.25 -18.28 14.00
C VAL A 522 20.18 -19.38 14.48
N PHE A 523 21.14 -19.80 13.65
CA PHE A 523 22.11 -20.84 14.06
C PHE A 523 22.99 -20.34 15.20
N GLN A 524 23.42 -21.27 16.04
CA GLN A 524 24.15 -20.95 17.29
C GLN A 524 25.37 -21.87 17.44
N MET A 525 26.17 -21.98 16.40
CA MET A 525 27.43 -22.75 16.50
C MET A 525 28.38 -21.99 17.42
N PRO A 526 29.04 -22.66 18.38
CA PRO A 526 29.86 -21.96 19.37
C PRO A 526 31.19 -21.38 18.83
N ASP A 527 31.49 -21.60 17.55
CA ASP A 527 32.77 -21.13 16.96
C ASP A 527 32.72 -19.61 16.81
N LYS A 528 31.54 -19.06 16.48
CA LYS A 528 31.28 -17.61 16.27
C LYS A 528 31.98 -17.08 15.02
N ASP A 529 32.76 -17.89 14.31
CA ASP A 529 33.35 -17.49 13.01
C ASP A 529 32.89 -18.43 11.90
N GLU A 530 33.04 -19.74 12.10
CA GLU A 530 32.47 -20.73 11.17
C GLU A 530 30.95 -20.57 11.14
N GLU A 531 30.35 -20.23 12.27
CA GLU A 531 28.89 -19.97 12.32
C GLU A 531 28.56 -18.79 11.42
N SER A 532 29.33 -17.72 11.49
CA SER A 532 29.10 -16.52 10.65
C SER A 532 29.26 -16.90 9.17
N ARG A 533 30.28 -17.69 8.85
CA ARG A 533 30.53 -18.10 7.45
C ARG A 533 29.35 -18.95 6.95
N ILE A 534 28.88 -19.88 7.77
CA ILE A 534 27.75 -20.78 7.38
C ILE A 534 26.49 -19.93 7.18
N CYS A 535 26.23 -18.99 8.08
CA CYS A 535 25.02 -18.14 7.98
C CYS A 535 25.11 -17.28 6.70
N LYS A 536 26.29 -16.74 6.40
CA LYS A 536 26.46 -15.90 5.20
C LYS A 536 26.24 -16.76 3.95
N ALA A 537 26.82 -17.95 3.91
CA ALA A 537 26.68 -18.86 2.74
C ALA A 537 25.21 -19.23 2.56
N LEU A 538 24.52 -19.54 3.66
CA LEU A 538 23.09 -19.94 3.57
C LEU A 538 22.26 -18.75 3.11
N PHE A 539 22.55 -17.55 3.59
CA PHE A 539 21.81 -16.34 3.16
C PHE A 539 22.04 -16.11 1.67
N LEU A 540 23.27 -16.27 1.19
CA LEU A 540 23.56 -16.06 -0.24
C LEU A 540 22.84 -17.11 -1.08
N TYR A 541 22.88 -18.37 -0.68
CA TYR A 541 22.18 -19.44 -1.42
C TYR A 541 20.68 -19.16 -1.45
N THR A 542 20.12 -18.75 -0.33
CA THR A 542 18.67 -18.52 -0.24
C THR A 542 18.27 -17.30 -1.08
N SER A 543 19.10 -16.26 -1.08
CA SER A 543 18.83 -15.06 -1.91
C SER A 543 18.91 -15.44 -3.40
N HIS A 544 19.86 -16.29 -3.76
CA HIS A 544 19.97 -16.76 -5.17
C HIS A 544 18.73 -17.57 -5.55
N LEU A 545 18.26 -18.44 -4.64
CA LEU A 545 17.04 -19.25 -4.91
C LEU A 545 15.83 -18.32 -5.04
N ARG A 546 15.75 -17.30 -4.21
CA ARG A 546 14.62 -16.35 -4.28
C ARG A 546 14.67 -15.61 -5.61
N LYS A 547 15.84 -15.16 -6.03
CA LYS A 547 15.98 -14.47 -7.33
C LYS A 547 15.63 -15.41 -8.48
N TYR A 548 16.01 -16.67 -8.39
CA TYR A 548 15.65 -17.65 -9.44
C TYR A 548 14.13 -17.86 -9.47
N ASN A 549 13.49 -17.91 -8.32
CA ASN A 549 12.02 -18.07 -8.26
C ASN A 549 11.35 -16.82 -8.88
N ASP A 550 11.86 -15.64 -8.57
CA ASP A 550 11.31 -14.39 -9.16
C ASP A 550 11.51 -14.41 -10.68
N ALA A 551 12.66 -14.89 -11.14
CA ALA A 551 12.93 -14.99 -12.59
C ALA A 551 11.97 -15.99 -13.23
N LEU A 552 11.67 -17.08 -12.55
CA LEU A 552 10.71 -18.07 -13.08
C LEU A 552 9.31 -17.45 -13.18
N ILE A 553 8.91 -16.69 -12.17
CA ILE A 553 7.58 -16.00 -12.21
C ILE A 553 7.57 -15.01 -13.37
N ILE A 554 8.66 -14.29 -13.57
CA ILE A 554 8.74 -13.28 -14.67
C ILE A 554 8.67 -14.01 -16.00
N SER A 555 9.33 -15.16 -16.13
CA SER A 555 9.31 -15.95 -17.39
C SER A 555 7.90 -16.47 -17.62
N GLU A 556 7.19 -16.86 -16.57
CA GLU A 556 5.83 -17.42 -16.71
C GLU A 556 4.86 -16.31 -17.13
N HIS A 557 5.01 -15.10 -16.60
CA HIS A 557 4.03 -14.00 -16.85
C HIS A 557 4.43 -13.22 -18.10
N ALA A 558 5.58 -12.57 -18.09
CA ALA A 558 6.05 -11.74 -19.21
C ALA A 558 6.89 -12.58 -20.17
N ARG A 559 7.59 -11.94 -21.08
CA ARG A 559 8.39 -12.64 -22.11
C ARG A 559 9.53 -13.42 -21.46
N MET A 560 10.05 -14.38 -22.18
CA MET A 560 11.13 -15.27 -21.70
C MET A 560 12.45 -14.48 -21.58
N LYS A 561 12.74 -13.60 -22.53
CA LYS A 561 14.02 -12.86 -22.55
C LYS A 561 14.09 -11.91 -21.34
N ASP A 562 12.96 -11.43 -20.86
CA ASP A 562 12.94 -10.46 -19.74
C ASP A 562 13.41 -11.15 -18.45
N ALA A 563 13.11 -12.43 -18.27
CA ALA A 563 13.59 -13.18 -17.08
C ALA A 563 15.12 -13.27 -17.13
N LEU A 564 15.67 -13.59 -18.30
CA LEU A 564 17.15 -13.67 -18.45
C LEU A 564 17.75 -12.29 -18.22
N ASP A 565 17.09 -11.23 -18.70
CA ASP A 565 17.59 -9.85 -18.49
C ASP A 565 17.59 -9.51 -17.01
N TYR A 566 16.54 -9.91 -16.29
CA TYR A 566 16.44 -9.65 -14.84
C TYR A 566 17.54 -10.42 -14.11
N LEU A 567 17.78 -11.67 -14.50
CA LEU A 567 18.86 -12.47 -13.86
C LEU A 567 20.23 -11.84 -14.15
N LYS A 568 20.46 -11.38 -15.37
CA LYS A 568 21.74 -10.73 -15.72
C LYS A 568 21.89 -9.44 -14.92
N ASP A 569 20.82 -8.68 -14.75
CA ASP A 569 20.87 -7.42 -13.97
C ASP A 569 21.20 -7.74 -12.51
N PHE A 570 20.58 -8.77 -11.95
CA PHE A 570 20.82 -9.16 -10.54
C PHE A 570 22.28 -9.59 -10.38
N PHE A 571 22.79 -10.38 -11.32
CA PHE A 571 24.17 -10.90 -11.23
C PHE A 571 25.17 -9.76 -11.42
N SER A 572 24.85 -8.78 -12.26
CA SER A 572 25.73 -7.60 -12.49
C SER A 572 25.69 -6.68 -11.27
N ASN A 573 24.56 -6.60 -10.58
CA ASN A 573 24.43 -5.76 -9.36
C ASN A 573 25.13 -6.43 -8.17
N VAL A 574 25.14 -7.76 -8.11
CA VAL A 574 25.83 -8.46 -7.00
C VAL A 574 27.32 -8.62 -7.31
N ARG A 575 27.70 -8.58 -8.60
CA ARG A 575 29.14 -8.69 -8.98
C ARG A 575 29.91 -7.48 -8.46
N ALA A 576 29.29 -6.30 -8.44
CA ALA A 576 29.96 -5.05 -8.01
C ALA A 576 29.86 -4.87 -6.49
N ALA A 577 29.61 -5.95 -5.73
CA ALA A 577 29.47 -5.87 -4.26
C ALA A 577 30.63 -6.61 -3.58
N GLY A 578 30.87 -7.87 -3.94
CA GLY A 578 31.90 -8.69 -3.30
C GLY A 578 32.24 -9.91 -4.12
N PHE A 579 33.41 -10.47 -3.87
CA PHE A 579 33.89 -11.70 -4.56
C PHE A 579 34.42 -12.68 -3.53
N ASP A 580 33.55 -13.58 -3.10
CA ASP A 580 33.93 -14.71 -2.22
C ASP A 580 33.75 -16.03 -2.98
N GLU A 581 33.98 -17.14 -2.29
CA GLU A 581 33.88 -18.49 -2.89
C GLU A 581 32.41 -18.74 -3.29
N ILE A 582 31.47 -18.30 -2.48
CA ILE A 582 30.03 -18.53 -2.75
C ILE A 582 29.65 -17.83 -4.06
N GLU A 583 30.02 -16.56 -4.19
CA GLU A 583 29.75 -15.80 -5.43
C GLU A 583 30.56 -16.35 -6.60
N GLN A 584 31.83 -16.67 -6.38
CA GLN A 584 32.70 -17.20 -7.46
C GLN A 584 32.15 -18.54 -7.96
N ASP A 585 31.36 -19.24 -7.16
CA ASP A 585 30.75 -20.51 -7.61
C ASP A 585 29.41 -20.24 -8.30
N LEU A 586 28.55 -19.46 -7.65
CA LEU A 586 27.18 -19.24 -8.18
C LEU A 586 27.23 -18.47 -9.50
N THR A 587 28.00 -17.39 -9.56
CA THR A 587 28.10 -16.58 -10.79
C THR A 587 28.73 -17.40 -11.91
N GLN A 588 29.72 -18.23 -11.59
CA GLN A 588 30.39 -19.05 -12.64
C GLN A 588 29.41 -20.11 -13.15
N ARG A 589 28.59 -20.68 -12.28
CA ARG A 589 27.58 -21.68 -12.72
C ARG A 589 26.54 -20.98 -13.60
N PHE A 590 26.11 -19.79 -13.21
CA PHE A 590 25.13 -19.03 -14.02
C PHE A 590 25.73 -18.67 -15.38
N GLU A 591 27.02 -18.32 -15.42
CA GLU A 591 27.70 -17.99 -16.70
C GLU A 591 27.82 -19.24 -17.56
N GLU A 592 28.08 -20.39 -16.95
CA GLU A 592 28.15 -21.67 -17.70
C GLU A 592 26.77 -21.99 -18.29
N LYS A 593 25.69 -21.72 -17.56
CA LYS A 593 24.33 -22.03 -18.05
C LYS A 593 23.82 -20.95 -19.01
N LEU A 594 24.39 -19.74 -18.98
CA LEU A 594 23.88 -18.62 -19.82
C LEU A 594 24.07 -18.94 -21.31
N GLN A 595 25.12 -19.67 -21.66
CA GLN A 595 25.39 -19.99 -23.08
C GLN A 595 24.21 -20.78 -23.68
N GLU A 596 23.52 -21.58 -22.87
CA GLU A 596 22.32 -22.31 -23.35
C GLU A 596 21.07 -21.49 -23.08
N LEU A 597 21.05 -20.73 -21.98
CA LEU A 597 19.84 -19.94 -21.62
C LEU A 597 19.56 -18.90 -22.71
N GLU A 598 20.59 -18.23 -23.21
CA GLU A 598 20.41 -17.19 -24.26
C GLU A 598 19.90 -17.84 -25.55
N SER A 599 20.45 -18.99 -25.92
CA SER A 599 20.02 -19.71 -27.13
C SER A 599 18.56 -20.16 -27.00
N VAL A 600 18.15 -20.56 -25.79
CA VAL A 600 16.75 -21.01 -25.58
C VAL A 600 15.83 -19.78 -25.62
N SER A 601 16.25 -18.67 -25.02
CA SER A 601 15.39 -17.46 -24.92
C SER A 601 15.26 -16.77 -26.28
N ARG A 602 16.26 -16.89 -27.15
CA ARG A 602 16.25 -16.20 -28.47
C ARG A 602 15.46 -17.02 -29.50
N ASP A 603 14.69 -18.01 -29.07
CA ASP A 603 13.92 -18.86 -30.02
C ASP A 603 12.53 -18.26 -30.18
N PRO A 604 12.10 -17.92 -31.42
CA PRO A 604 10.76 -17.38 -31.62
C PRO A 604 9.63 -18.40 -31.40
N SER A 605 9.96 -19.70 -31.32
CA SER A 605 8.96 -20.77 -31.10
C SER A 605 8.61 -20.89 -29.61
N ASN A 606 9.22 -20.11 -28.73
CA ASN A 606 8.98 -20.19 -27.28
C ASN A 606 8.32 -18.91 -26.79
N GLU A 607 7.58 -18.22 -27.64
CA GLU A 607 6.89 -16.97 -27.24
C GLU A 607 5.68 -17.32 -26.37
N ASN A 608 5.42 -16.48 -25.39
CA ASN A 608 4.27 -16.67 -24.47
C ASN A 608 2.98 -16.50 -25.25
N PRO A 609 2.07 -17.49 -25.24
CA PRO A 609 0.78 -17.32 -25.91
C PRO A 609 -0.06 -16.19 -25.28
N LYS A 610 0.13 -15.91 -24.01
CA LYS A 610 -0.56 -14.77 -23.34
C LYS A 610 -0.11 -13.46 -23.99
N LEU A 611 1.19 -13.24 -24.14
CA LEU A 611 1.67 -12.01 -24.81
C LEU A 611 1.26 -12.02 -26.28
N GLU A 612 1.21 -13.20 -26.90
CA GLU A 612 0.80 -13.30 -28.32
C GLU A 612 -0.64 -12.79 -28.47
N ASP A 613 -1.56 -13.32 -27.68
CA ASP A 613 -2.99 -12.90 -27.77
C ASP A 613 -3.14 -11.46 -27.28
N LEU A 614 -2.30 -11.02 -26.35
CA LEU A 614 -2.34 -9.60 -25.90
C LEU A 614 -2.03 -8.68 -27.09
N CYS A 615 -0.92 -8.91 -27.78
CA CYS A 615 -0.55 -8.08 -28.95
C CYS A 615 -1.60 -8.26 -30.06
N PHE A 616 -2.19 -9.45 -30.16
CA PHE A 616 -3.24 -9.71 -31.18
C PHE A 616 -4.44 -8.80 -30.92
N ILE A 617 -4.99 -8.83 -29.72
CA ILE A 617 -6.19 -8.01 -29.39
C ILE A 617 -5.80 -6.52 -29.44
N LEU A 618 -4.56 -6.20 -29.08
CA LEU A 618 -4.10 -4.77 -29.15
C LEU A 618 -4.16 -4.29 -30.60
N GLN A 619 -3.56 -5.03 -31.52
CA GLN A 619 -3.52 -4.59 -32.95
C GLN A 619 -4.94 -4.66 -33.52
N GLU A 620 -5.76 -5.60 -33.05
CA GLU A 620 -7.17 -5.68 -33.51
C GLU A 620 -7.89 -4.38 -33.15
N GLU A 621 -7.87 -4.00 -31.88
CA GLU A 621 -8.55 -2.78 -31.42
C GLU A 621 -7.95 -1.56 -32.10
N TYR A 622 -6.64 -1.57 -32.34
CA TYR A 622 -5.95 -0.38 -32.89
C TYR A 622 -6.26 -0.20 -34.38
N HIS A 623 -6.41 -1.26 -35.15
CA HIS A 623 -6.78 -1.09 -36.58
C HIS A 623 -8.29 -0.93 -36.69
N LEU A 624 -9.06 -1.35 -35.67
CA LEU A 624 -10.52 -1.05 -35.64
C LEU A 624 -10.71 0.43 -35.37
N ASN A 625 -9.88 1.01 -34.51
CA ASN A 625 -9.93 2.46 -34.20
C ASN A 625 -8.53 2.89 -33.81
N PRO A 626 -7.87 3.76 -34.61
CA PRO A 626 -6.49 4.16 -34.34
C PRO A 626 -6.32 5.32 -33.35
N GLU A 627 -7.37 5.68 -32.61
CA GLU A 627 -7.30 6.81 -31.65
C GLU A 627 -7.83 6.33 -30.29
N THR A 628 -7.34 5.19 -29.84
CA THR A 628 -7.75 4.60 -28.54
C THR A 628 -6.53 4.54 -27.64
N ILE A 629 -6.38 5.54 -26.77
CA ILE A 629 -5.33 5.51 -25.72
C ILE A 629 -5.72 4.43 -24.71
N THR A 630 -4.79 3.54 -24.40
CA THR A 630 -5.07 2.37 -23.54
C THR A 630 -4.34 2.48 -22.22
N ILE A 631 -4.80 1.70 -21.25
CA ILE A 631 -4.11 1.54 -19.94
C ILE A 631 -4.03 0.05 -19.64
N LEU A 632 -2.83 -0.41 -19.31
CA LEU A 632 -2.59 -1.86 -19.07
C LEU A 632 -2.17 -2.03 -17.62
N PHE A 633 -2.98 -2.73 -16.85
CA PHE A 633 -2.72 -2.95 -15.40
C PHE A 633 -1.86 -4.21 -15.22
N VAL A 634 -0.76 -4.04 -14.51
CA VAL A 634 0.19 -5.13 -14.21
C VAL A 634 0.27 -5.27 -12.70
N LYS A 635 0.67 -6.45 -12.24
CA LYS A 635 0.75 -6.74 -10.78
C LYS A 635 2.13 -6.36 -10.26
N THR A 636 3.20 -6.81 -10.92
CA THR A 636 4.57 -6.70 -10.39
C THR A 636 5.27 -5.49 -11.00
N ARG A 637 6.07 -4.82 -10.19
CA ARG A 637 6.85 -3.65 -10.64
C ARG A 637 7.95 -4.07 -11.62
N ALA A 638 8.38 -5.33 -11.59
CA ALA A 638 9.33 -5.84 -12.60
C ALA A 638 8.60 -6.15 -13.91
N LEU A 639 7.41 -6.72 -13.84
CA LEU A 639 6.63 -7.07 -15.06
C LEU A 639 6.13 -5.80 -15.74
N VAL A 640 5.85 -4.73 -14.99
CA VAL A 640 5.34 -3.49 -15.60
C VAL A 640 6.44 -2.85 -16.46
N ASP A 641 7.70 -3.18 -16.19
CA ASP A 641 8.83 -2.70 -17.03
C ASP A 641 9.16 -3.75 -18.09
N ALA A 642 9.01 -5.03 -17.79
CA ALA A 642 9.23 -6.11 -18.78
C ALA A 642 8.27 -5.93 -19.96
N LEU A 643 7.01 -5.61 -19.67
CA LEU A 643 6.00 -5.41 -20.75
C LEU A 643 6.35 -4.15 -21.55
N LYS A 644 6.87 -3.11 -20.90
CA LYS A 644 7.31 -1.89 -21.61
C LYS A 644 8.44 -2.24 -22.58
N ASN A 645 9.43 -3.00 -22.10
CA ASN A 645 10.57 -3.42 -22.94
C ASN A 645 10.06 -4.28 -24.10
N TRP A 646 9.08 -5.15 -23.83
CA TRP A 646 8.51 -6.03 -24.87
C TRP A 646 7.82 -5.18 -25.94
N ILE A 647 7.04 -4.20 -25.53
CA ILE A 647 6.34 -3.30 -26.49
C ILE A 647 7.37 -2.52 -27.29
N GLU A 648 8.43 -2.06 -26.65
CA GLU A 648 9.50 -1.29 -27.36
C GLU A 648 10.21 -2.20 -28.35
N GLY A 649 10.30 -3.51 -28.05
CA GLY A 649 11.02 -4.48 -28.89
C GLY A 649 10.11 -5.36 -29.72
N ASN A 650 8.81 -5.10 -29.76
CA ASN A 650 7.87 -5.96 -30.52
C ASN A 650 7.81 -5.49 -31.96
N PRO A 651 8.18 -6.32 -32.95
CA PRO A 651 8.11 -5.91 -34.35
C PRO A 651 6.68 -5.84 -34.90
N LYS A 652 5.77 -6.60 -34.30
CA LYS A 652 4.38 -6.71 -34.80
C LYS A 652 3.60 -5.42 -34.51
N LEU A 653 4.14 -4.51 -33.70
CA LEU A 653 3.43 -3.25 -33.38
C LEU A 653 4.45 -2.12 -33.29
N SER A 654 4.10 -0.96 -33.83
CA SER A 654 4.98 0.23 -33.85
C SER A 654 4.27 1.50 -33.38
N PHE A 655 2.94 1.53 -33.35
CA PHE A 655 2.18 2.76 -32.99
C PHE A 655 2.19 2.94 -31.47
N LEU A 656 2.42 1.87 -30.72
CA LEU A 656 2.38 1.95 -29.23
C LEU A 656 3.58 2.73 -28.72
N LYS A 657 3.35 3.52 -27.69
CA LYS A 657 4.41 4.30 -27.01
C LYS A 657 4.27 4.09 -25.51
N PRO A 658 5.30 3.55 -24.84
CA PRO A 658 5.18 3.25 -23.41
C PRO A 658 4.99 4.52 -22.56
N GLY A 659 4.02 4.45 -21.65
CA GLY A 659 3.66 5.57 -20.76
C GLY A 659 3.66 5.15 -19.31
N ILE A 660 4.61 4.30 -18.92
CA ILE A 660 4.68 3.69 -17.56
C ILE A 660 4.43 4.75 -16.49
N LEU A 661 3.57 4.42 -15.54
CA LEU A 661 3.18 5.33 -14.42
C LEU A 661 3.20 4.53 -13.13
N THR A 662 4.33 3.87 -12.87
CA THR A 662 4.53 3.06 -11.64
C THR A 662 4.46 3.99 -10.41
N ASP A 690 2.09 11.79 -26.86
CA ASP A 690 3.43 11.13 -26.85
C ASP A 690 3.38 9.86 -25.99
N HIS A 691 2.19 9.42 -25.60
CA HIS A 691 2.02 8.21 -24.78
C HIS A 691 0.74 7.51 -25.23
N ASN A 692 0.88 6.52 -26.11
CA ASN A 692 -0.27 5.80 -26.68
C ASN A 692 -0.80 4.79 -25.66
N ILE A 693 0.09 4.01 -25.06
CA ILE A 693 -0.28 3.00 -24.03
C ILE A 693 0.32 3.44 -22.70
N LEU A 694 -0.45 3.28 -21.63
CA LEU A 694 -0.03 3.66 -20.26
C LEU A 694 0.04 2.37 -19.44
N ILE A 695 1.23 1.80 -19.35
CA ILE A 695 1.45 0.52 -18.61
C ILE A 695 1.65 0.88 -17.14
N ALA A 696 0.57 0.79 -16.36
CA ALA A 696 0.59 1.15 -14.93
C ALA A 696 0.57 -0.11 -14.07
N THR A 697 0.67 0.08 -12.76
CA THR A 697 0.62 -1.04 -11.78
C THR A 697 -0.61 -0.91 -10.88
N SER A 698 -0.85 0.26 -10.32
CA SER A 698 -2.01 0.48 -9.44
C SER A 698 -2.36 1.97 -9.45
N VAL A 699 -3.63 2.27 -9.62
CA VAL A 699 -4.12 3.67 -9.62
C VAL A 699 -4.63 3.99 -8.20
N ILE A 706 -8.08 8.85 -16.16
CA ILE A 706 -9.28 9.65 -15.75
C ILE A 706 -9.72 10.54 -16.92
N ALA A 707 -11.02 10.54 -17.19
CA ALA A 707 -11.68 11.32 -18.27
C ALA A 707 -11.15 10.91 -19.66
N GLN A 708 -10.37 9.83 -19.74
CA GLN A 708 -9.76 9.37 -21.00
C GLN A 708 -9.42 7.89 -20.85
N CYS A 709 -8.63 7.36 -21.77
CA CYS A 709 -8.15 5.96 -21.74
C CYS A 709 -9.36 5.03 -21.81
N ASN A 710 -10.06 5.08 -22.93
CA ASN A 710 -11.26 4.25 -23.15
C ASN A 710 -10.84 2.83 -23.55
N LEU A 711 -9.89 2.24 -22.83
CA LEU A 711 -9.54 0.82 -22.98
C LEU A 711 -8.66 0.40 -21.80
N VAL A 712 -9.08 -0.64 -21.09
CA VAL A 712 -8.30 -1.20 -19.97
C VAL A 712 -7.95 -2.64 -20.29
N ILE A 713 -6.72 -3.02 -20.00
CA ILE A 713 -6.25 -4.41 -20.20
C ILE A 713 -5.59 -4.85 -18.91
N LEU A 714 -6.29 -5.65 -18.12
CA LEU A 714 -5.73 -6.20 -16.86
C LEU A 714 -4.96 -7.47 -17.22
N TYR A 715 -3.64 -7.37 -17.24
CA TYR A 715 -2.76 -8.51 -17.60
C TYR A 715 -2.32 -9.19 -16.32
N GLU A 716 -3.06 -10.23 -15.92
CA GLU A 716 -2.80 -11.00 -14.67
C GLU A 716 -2.82 -10.03 -13.47
N TYR A 717 -3.89 -9.29 -13.32
CA TYR A 717 -4.03 -8.31 -12.22
C TYR A 717 -5.43 -8.39 -11.66
N VAL A 718 -5.54 -8.83 -10.41
CA VAL A 718 -6.86 -8.98 -9.73
C VAL A 718 -6.98 -7.95 -8.61
N ILE A 722 -12.42 -4.18 -6.02
CA ILE A 722 -12.31 -3.64 -7.41
C ILE A 722 -10.96 -2.95 -7.58
N LYS A 723 -10.24 -3.30 -8.64
CA LYS A 723 -8.90 -2.74 -8.92
C LYS A 723 -8.90 -1.89 -10.18
N MET A 724 -9.92 -2.02 -11.03
CA MET A 724 -10.04 -1.18 -12.25
C MET A 724 -10.95 0.02 -11.96
N ILE A 725 -11.08 0.41 -10.69
CA ILE A 725 -11.98 1.51 -10.27
C ILE A 725 -11.47 2.83 -10.85
N GLN A 726 -12.17 3.36 -11.84
CA GLN A 726 -11.83 4.68 -12.45
C GLN A 726 -12.94 5.70 -12.17
N THR A 727 -14.06 5.28 -11.61
CA THR A 727 -15.20 6.19 -11.32
C THR A 727 -15.00 6.84 -9.94
N ARG A 728 -13.85 7.45 -9.73
CA ARG A 728 -13.59 8.24 -8.49
C ARG A 728 -13.19 9.65 -8.90
N GLY A 729 -12.62 9.80 -10.08
CA GLY A 729 -12.28 11.12 -10.65
C GLY A 729 -13.13 11.44 -11.86
N ARG A 730 -12.59 12.23 -12.76
CA ARG A 730 -13.28 12.63 -14.02
C ARG A 730 -13.42 11.39 -14.91
N GLY A 731 -14.58 11.23 -15.52
CA GLY A 731 -14.85 10.10 -16.41
C GLY A 731 -15.70 10.51 -17.59
N ARG A 732 -15.84 9.60 -18.56
CA ARG A 732 -16.66 9.86 -19.76
C ARG A 732 -17.26 8.55 -20.24
N ALA A 733 -18.52 8.60 -20.65
CA ALA A 733 -19.28 7.44 -21.17
C ALA A 733 -19.03 7.30 -22.68
N ARG A 734 -19.83 6.48 -23.36
CA ARG A 734 -19.76 6.28 -24.83
C ARG A 734 -18.41 5.68 -25.19
N GLY A 735 -18.19 4.44 -24.77
CA GLY A 735 -17.05 3.62 -25.22
C GLY A 735 -16.05 3.36 -24.10
N SER A 736 -16.01 2.12 -23.62
CA SER A 736 -15.02 1.66 -22.62
C SER A 736 -15.02 0.13 -22.57
N LYS A 737 -13.85 -0.48 -22.77
CA LYS A 737 -13.69 -1.95 -22.65
C LYS A 737 -12.74 -2.26 -21.51
N CYS A 738 -12.91 -3.42 -20.90
CA CYS A 738 -12.17 -3.83 -19.68
C CYS A 738 -11.61 -5.24 -19.88
N PHE A 739 -10.84 -5.43 -20.95
CA PHE A 739 -10.21 -6.74 -21.26
C PHE A 739 -9.46 -7.24 -20.03
N LEU A 740 -9.62 -8.53 -19.75
CA LEU A 740 -8.89 -9.20 -18.64
C LEU A 740 -8.25 -10.47 -19.18
N LEU A 741 -6.92 -10.51 -19.15
CA LEU A 741 -6.16 -11.71 -19.56
C LEU A 741 -5.67 -12.44 -18.32
N THR A 742 -5.71 -13.76 -18.35
CA THR A 742 -5.25 -14.57 -17.22
C THR A 742 -4.97 -15.99 -17.70
N SER A 743 -4.42 -16.80 -16.82
CA SER A 743 -4.08 -18.22 -17.10
C SER A 743 -4.88 -19.18 -16.22
N ASN A 744 -5.66 -18.69 -15.26
CA ASN A 744 -6.42 -19.55 -14.32
C ASN A 744 -7.86 -19.06 -14.27
N ALA A 745 -8.79 -19.86 -14.79
CA ALA A 745 -10.23 -19.54 -14.81
C ALA A 745 -10.73 -19.21 -13.40
N GLY A 746 -10.06 -19.71 -12.36
CA GLY A 746 -10.30 -19.27 -10.98
C GLY A 746 -10.53 -17.77 -10.93
N VAL A 747 -9.50 -17.03 -11.33
CA VAL A 747 -9.54 -15.53 -11.31
C VAL A 747 -10.80 -15.07 -12.03
N ILE A 748 -11.10 -15.68 -13.17
CA ILE A 748 -12.32 -15.31 -13.94
C ILE A 748 -13.52 -15.40 -13.00
N GLU A 749 -13.78 -16.59 -12.47
CA GLU A 749 -14.93 -16.78 -11.56
C GLU A 749 -14.87 -15.71 -10.47
N LYS A 750 -13.66 -15.41 -9.99
CA LYS A 750 -13.50 -14.39 -8.94
C LYS A 750 -14.16 -13.08 -9.40
N GLU A 751 -13.67 -12.54 -10.50
CA GLU A 751 -14.23 -11.29 -11.05
C GLU A 751 -15.74 -11.44 -11.21
N GLN A 752 -16.20 -12.62 -11.62
CA GLN A 752 -17.66 -12.84 -11.78
C GLN A 752 -18.35 -12.53 -10.46
N ILE A 753 -17.96 -13.23 -9.41
CA ILE A 753 -18.63 -13.04 -8.09
C ILE A 753 -18.43 -11.58 -7.68
N ASN A 754 -17.33 -10.96 -8.12
CA ASN A 754 -17.09 -9.54 -7.78
C ASN A 754 -18.22 -8.68 -8.33
N MET A 755 -18.51 -8.85 -9.61
CA MET A 755 -19.65 -8.14 -10.24
C MET A 755 -20.91 -8.48 -9.43
N TYR A 756 -21.06 -9.75 -9.06
CA TYR A 756 -22.22 -10.16 -8.26
C TYR A 756 -22.33 -9.26 -7.03
N LYS A 757 -21.21 -9.15 -6.31
CA LYS A 757 -21.15 -8.33 -5.08
C LYS A 757 -21.57 -6.90 -5.40
N GLU A 758 -21.05 -6.36 -6.49
CA GLU A 758 -21.47 -5.00 -6.91
C GLU A 758 -22.99 -4.96 -6.86
N LYS A 759 -23.63 -5.81 -7.65
CA LYS A 759 -25.09 -5.82 -7.76
C LYS A 759 -25.70 -5.88 -6.36
N MET A 760 -25.22 -6.81 -5.54
CA MET A 760 -25.89 -7.09 -4.25
C MET A 760 -25.76 -5.85 -3.37
N MET A 761 -24.62 -5.18 -3.42
CA MET A 761 -24.41 -3.94 -2.64
C MET A 761 -25.44 -2.91 -3.11
N ASN A 762 -25.59 -2.77 -4.41
CA ASN A 762 -26.67 -1.88 -4.93
C ASN A 762 -27.96 -2.22 -4.21
N ASP A 763 -28.33 -3.50 -4.25
CA ASP A 763 -29.62 -3.94 -3.66
C ASP A 763 -29.66 -3.49 -2.20
N SER A 764 -28.57 -3.70 -1.47
CA SER A 764 -28.51 -3.39 -0.02
C SER A 764 -28.78 -1.90 0.17
N ILE A 765 -28.14 -1.08 -0.64
CA ILE A 765 -28.34 0.39 -0.54
C ILE A 765 -29.84 0.65 -0.73
N LEU A 766 -30.43 0.02 -1.73
CA LEU A 766 -31.88 0.21 -1.97
C LEU A 766 -32.63 -0.10 -0.68
N ARG A 767 -32.35 -1.26 -0.09
CA ARG A 767 -33.05 -1.66 1.15
C ARG A 767 -32.88 -0.55 2.21
N LEU A 768 -31.68 -0.03 2.32
CA LEU A 768 -31.42 1.00 3.36
C LEU A 768 -32.29 2.23 3.09
N GLN A 769 -32.40 2.62 1.83
CA GLN A 769 -33.22 3.81 1.47
C GLN A 769 -34.70 3.48 1.72
N THR A 770 -35.06 2.21 1.70
CA THR A 770 -36.45 1.81 2.03
C THR A 770 -36.66 1.77 3.54
N TRP A 771 -35.60 1.62 4.34
CA TRP A 771 -35.77 1.57 5.81
C TRP A 771 -36.21 2.92 6.36
N ASP A 772 -36.74 2.89 7.57
CA ASP A 772 -37.08 4.12 8.33
C ASP A 772 -35.79 4.67 8.96
N GLU A 773 -35.87 5.88 9.52
CA GLU A 773 -34.68 6.55 10.08
C GLU A 773 -34.44 6.11 11.53
N ALA A 774 -35.36 6.43 12.43
CA ALA A 774 -35.16 6.25 13.89
C ALA A 774 -34.58 4.86 14.16
N VAL A 775 -35.33 3.82 13.85
CA VAL A 775 -34.89 2.42 14.12
C VAL A 775 -33.48 2.22 13.56
N PHE A 776 -33.24 2.64 12.34
CA PHE A 776 -31.91 2.51 11.72
C PHE A 776 -30.86 3.09 12.67
N ARG A 777 -31.04 4.35 13.04
CA ARG A 777 -30.11 5.01 13.98
C ARG A 777 -29.92 4.11 15.20
N GLU A 778 -31.01 3.68 15.81
CA GLU A 778 -30.91 2.84 17.03
C GLU A 778 -29.95 1.67 16.75
N LYS A 779 -30.21 0.95 15.66
CA LYS A 779 -29.37 -0.20 15.28
C LYS A 779 -27.91 0.24 15.26
N ILE A 780 -27.60 1.28 14.48
CA ILE A 780 -26.18 1.66 14.28
C ILE A 780 -25.61 2.00 15.66
N LEU A 781 -26.42 2.60 16.52
CA LEU A 781 -25.94 2.96 17.88
C LEU A 781 -25.50 1.68 18.58
N HIS A 782 -26.39 0.70 18.67
CA HIS A 782 -26.03 -0.61 19.26
C HIS A 782 -24.72 -1.08 18.65
N ILE A 783 -24.59 -0.96 17.33
CA ILE A 783 -23.38 -1.46 16.64
C ILE A 783 -22.18 -0.77 17.27
N GLN A 784 -22.16 0.55 17.23
CA GLN A 784 -21.05 1.35 17.79
C GLN A 784 -20.78 0.86 19.21
N THR A 785 -21.84 0.62 19.98
CA THR A 785 -21.66 0.18 21.38
C THR A 785 -20.79 -1.07 21.38
N HIS A 786 -21.27 -2.12 20.74
CA HIS A 786 -20.52 -3.39 20.66
C HIS A 786 -19.08 -3.07 20.24
N GLU A 787 -18.93 -2.19 19.26
CA GLU A 787 -17.58 -1.88 18.73
C GLU A 787 -16.69 -1.40 19.86
N LYS A 788 -17.12 -0.35 20.55
CA LYS A 788 -16.35 0.20 21.68
C LYS A 788 -16.08 -0.92 22.67
N PHE A 789 -17.06 -1.79 22.90
CA PHE A 789 -16.86 -2.89 23.87
C PHE A 789 -15.62 -3.65 23.44
N ILE A 790 -15.65 -4.14 22.21
CA ILE A 790 -14.53 -4.94 21.63
C ILE A 790 -13.27 -4.14 21.87
N ARG A 791 -13.33 -2.83 21.60
CA ARG A 791 -12.11 -2.00 21.67
C ARG A 791 -11.53 -2.07 23.08
N ASP A 792 -12.36 -1.79 24.09
CA ASP A 792 -11.92 -1.81 25.50
C ASP A 792 -11.51 -3.21 25.91
N SER A 793 -11.97 -4.24 25.20
CA SER A 793 -11.56 -5.63 25.48
C SER A 793 -10.15 -5.87 24.91
N GLN A 794 -9.85 -5.26 23.77
CA GLN A 794 -8.54 -5.45 23.09
C GLN A 794 -7.63 -4.29 23.45
N GLU A 795 -7.29 -4.19 24.73
CA GLU A 795 -6.36 -3.15 25.25
C GLU A 795 -5.23 -3.88 25.96
N LYS A 796 -4.13 -4.08 25.26
CA LYS A 796 -2.98 -4.81 25.81
C LYS A 796 -2.32 -3.95 26.89
N PRO A 797 -1.92 -4.55 28.03
CA PRO A 797 -1.18 -3.80 29.05
C PRO A 797 0.24 -3.45 28.59
N LYS A 798 0.98 -2.75 29.43
CA LYS A 798 2.38 -2.39 29.11
C LYS A 798 3.23 -3.66 29.07
N PRO A 799 4.10 -3.83 28.07
CA PRO A 799 4.98 -5.00 28.03
C PRO A 799 6.05 -4.92 29.12
N VAL A 800 6.32 -6.06 29.76
CA VAL A 800 7.30 -6.13 30.86
C VAL A 800 8.68 -5.83 30.29
N PRO A 801 9.30 -4.69 30.67
CA PRO A 801 10.59 -4.32 30.09
C PRO A 801 11.71 -5.23 30.60
N ASP A 802 12.37 -5.89 29.66
CA ASP A 802 13.52 -6.79 30.00
C ASP A 802 14.66 -5.95 30.56
N LYS A 803 15.29 -6.44 31.62
CA LYS A 803 16.38 -5.71 32.30
C LYS A 803 17.75 -6.18 31.84
N GLU A 804 17.84 -7.23 31.04
CA GLU A 804 19.15 -7.74 30.56
C GLU A 804 19.61 -6.92 29.35
N ASN A 805 20.91 -7.00 29.08
CA ASN A 805 21.55 -6.26 27.96
C ASN A 805 21.75 -7.24 26.82
N LYS A 806 20.79 -7.28 25.91
CA LYS A 806 20.87 -8.16 24.71
C LYS A 806 21.50 -7.37 23.57
N LYS A 807 22.35 -8.04 22.80
CA LYS A 807 23.06 -7.42 21.66
C LYS A 807 22.38 -7.81 20.36
N LEU A 808 22.51 -6.94 19.36
CA LEU A 808 21.95 -7.19 18.02
C LEU A 808 23.08 -7.57 17.07
N LEU A 809 22.81 -8.54 16.21
CA LEU A 809 23.80 -9.00 15.22
C LEU A 809 23.23 -8.81 13.81
N CYS A 810 24.13 -8.75 12.84
CA CYS A 810 23.72 -8.61 11.42
C CYS A 810 22.98 -9.87 10.97
N ARG A 811 22.17 -9.72 9.94
CA ARG A 811 21.37 -10.86 9.43
C ARG A 811 22.27 -11.83 8.66
N LYS A 812 22.94 -11.35 7.63
CA LYS A 812 23.74 -12.21 6.73
C LYS A 812 25.20 -12.26 7.16
N CYS A 813 25.58 -11.67 8.29
CA CYS A 813 26.99 -11.67 8.73
C CYS A 813 27.10 -12.16 10.16
N LYS A 814 26.09 -11.94 10.98
CA LYS A 814 26.07 -12.33 12.40
C LYS A 814 27.25 -11.68 13.13
N ALA A 815 27.45 -10.39 12.90
CA ALA A 815 28.53 -9.61 13.53
C ALA A 815 27.91 -8.71 14.60
N LEU A 816 28.64 -8.51 15.69
CA LEU A 816 28.19 -7.65 16.81
C LEU A 816 27.97 -6.23 16.30
N ALA A 817 26.71 -5.77 16.32
CA ALA A 817 26.35 -4.42 15.87
C ALA A 817 26.34 -3.45 17.05
N CYS A 818 25.47 -3.69 18.02
CA CYS A 818 25.29 -2.78 19.17
C CYS A 818 24.45 -3.46 20.25
N TYR A 819 24.64 -3.04 21.47
CA TYR A 819 23.86 -3.55 22.62
C TYR A 819 22.59 -2.71 22.79
N THR A 820 21.54 -3.33 23.29
CA THR A 820 20.24 -2.65 23.53
C THR A 820 20.36 -1.56 24.59
N ALA A 821 21.48 -1.43 25.29
CA ALA A 821 21.71 -0.32 26.24
C ALA A 821 22.14 0.94 25.50
N ASP A 822 22.58 0.84 24.26
CA ASP A 822 23.00 2.01 23.46
C ASP A 822 21.93 2.37 22.43
N VAL A 823 20.73 1.82 22.57
CA VAL A 823 19.61 2.08 21.61
C VAL A 823 18.68 3.09 22.26
N ARG A 824 18.42 4.18 21.55
CA ARG A 824 17.51 5.25 22.03
C ARG A 824 16.30 5.35 21.12
N VAL A 825 15.22 5.84 21.70
CA VAL A 825 13.92 5.98 21.00
C VAL A 825 13.63 7.46 20.81
N ILE A 826 13.14 7.83 19.64
CA ILE A 826 12.92 9.27 19.31
C ILE A 826 11.47 9.63 19.62
N GLU A 827 10.53 9.03 18.90
CA GLU A 827 9.09 9.38 19.02
C GLU A 827 8.27 8.11 19.13
N GLU A 828 8.72 7.18 19.96
CA GLU A 828 8.05 5.88 20.22
C GLU A 828 7.95 5.05 18.93
N CYS A 829 8.57 5.51 17.85
CA CYS A 829 8.53 4.79 16.56
C CYS A 829 9.93 4.61 15.97
N HIS A 830 10.82 5.59 16.13
CA HIS A 830 12.16 5.57 15.51
C HIS A 830 13.21 5.19 16.54
N TYR A 831 14.14 4.34 16.14
CA TYR A 831 15.20 3.81 17.03
C TYR A 831 16.56 4.14 16.45
N THR A 832 17.44 4.72 17.25
CA THR A 832 18.82 5.06 16.84
C THR A 832 19.81 4.48 17.83
N VAL A 833 21.09 4.62 17.51
CA VAL A 833 22.19 4.14 18.38
C VAL A 833 23.11 5.32 18.66
N LEU A 834 23.42 5.55 19.94
CA LEU A 834 24.28 6.68 20.36
C LEU A 834 25.73 6.25 20.56
N GLY A 835 26.02 4.94 20.50
CA GLY A 835 27.38 4.41 20.68
C GLY A 835 28.34 4.95 19.62
N ASP A 836 29.38 5.67 20.02
CA ASP A 836 30.38 6.19 19.06
C ASP A 836 31.10 5.03 18.37
N ALA A 837 31.33 3.93 19.08
CA ALA A 837 31.94 2.72 18.50
C ALA A 837 31.05 2.19 17.37
N PHE A 838 29.76 2.45 17.42
CA PHE A 838 28.84 2.03 16.35
C PHE A 838 29.05 2.87 15.10
N LYS A 839 29.55 4.09 15.23
CA LYS A 839 29.70 5.01 14.07
C LYS A 839 30.65 4.43 13.02
N GLU A 840 31.57 3.56 13.42
CA GLU A 840 32.53 2.93 12.48
C GLU A 840 32.04 1.55 12.05
N CYS A 841 30.90 1.08 12.56
CA CYS A 841 30.40 -0.28 12.27
C CYS A 841 29.51 -0.28 11.02
N PHE A 842 29.31 0.85 10.37
CA PHE A 842 28.48 0.91 9.15
C PHE A 842 29.14 1.83 8.14
N VAL A 843 28.65 1.76 6.91
CA VAL A 843 29.11 2.62 5.80
C VAL A 843 27.89 3.37 5.26
N SER A 844 28.14 4.54 4.69
CA SER A 844 27.07 5.40 4.14
C SER A 844 26.94 5.16 2.64
N ARG A 845 25.76 5.47 2.11
CA ARG A 845 25.49 5.38 0.67
C ARG A 845 24.44 6.40 0.31
N PRO A 846 24.60 7.13 -0.82
CA PRO A 846 23.61 8.13 -1.20
C PRO A 846 22.23 7.50 -1.42
N HIS A 847 21.22 8.12 -0.84
CA HIS A 847 19.83 7.61 -0.92
C HIS A 847 19.32 7.77 -2.34
N PRO A 848 18.65 6.74 -2.90
CA PRO A 848 18.10 6.87 -4.25
C PRO A 848 16.95 7.88 -4.37
N LYS A 849 16.28 8.18 -3.26
CA LYS A 849 15.16 9.16 -3.27
C LYS A 849 15.06 9.82 -1.90
N PRO A 850 15.76 10.94 -1.68
CA PRO A 850 15.65 11.64 -0.41
C PRO A 850 14.30 12.36 -0.26
N LYS A 851 13.72 12.28 0.92
CA LYS A 851 12.43 12.92 1.22
C LYS A 851 12.31 13.11 2.72
N GLN A 852 11.51 14.09 3.11
CA GLN A 852 11.32 14.44 4.53
C GLN A 852 10.01 13.83 5.04
N PHE A 853 10.00 13.44 6.29
CA PHE A 853 8.78 12.88 6.92
C PHE A 853 8.75 13.32 8.37
N SER A 854 7.65 13.96 8.75
CA SER A 854 7.39 14.47 10.12
C SER A 854 8.50 15.46 10.55
N SER A 855 9.64 14.97 11.02
CA SER A 855 10.71 15.86 11.52
C SER A 855 12.08 15.45 11.01
N PHE A 856 12.15 14.44 10.15
CA PHE A 856 13.44 13.91 9.65
C PHE A 856 13.68 14.32 8.20
N GLU A 857 14.96 14.33 7.84
CA GLU A 857 15.43 14.54 6.45
C GLU A 857 16.22 13.30 6.06
N LYS A 858 15.67 12.48 5.17
CA LYS A 858 16.36 11.26 4.69
C LYS A 858 17.59 11.69 3.88
N ARG A 859 18.78 11.49 4.44
CA ARG A 859 20.04 11.95 3.81
C ARG A 859 20.75 10.81 3.10
N ALA A 860 20.90 9.66 3.75
CA ALA A 860 21.62 8.53 3.14
C ALA A 860 21.10 7.23 3.73
N LYS A 861 21.64 6.12 3.23
CA LYS A 861 21.40 4.79 3.81
C LYS A 861 22.67 4.28 4.47
N ILE A 862 22.50 3.46 5.50
CA ILE A 862 23.64 2.86 6.24
C ILE A 862 23.60 1.35 6.01
N PHE A 863 24.72 0.82 5.54
CA PHE A 863 24.89 -0.62 5.29
C PHE A 863 25.98 -1.17 6.20
N CYS A 864 26.03 -2.49 6.29
CA CYS A 864 27.01 -3.18 7.16
C CYS A 864 28.43 -2.93 6.65
N ALA A 865 29.35 -2.65 7.57
CA ALA A 865 30.76 -2.39 7.25
C ALA A 865 31.57 -3.66 7.48
N ARG A 866 31.46 -4.59 6.55
CA ARG A 866 32.22 -5.86 6.63
C ARG A 866 32.91 -6.15 5.31
N GLN A 867 33.52 -7.34 5.21
CA GLN A 867 34.29 -7.74 4.01
C GLN A 867 33.38 -7.73 2.79
N ASN A 868 32.40 -8.61 2.73
CA ASN A 868 31.51 -8.72 1.55
C ASN A 868 30.06 -8.85 2.01
N CYS A 869 29.67 -8.09 3.03
CA CYS A 869 28.30 -8.20 3.60
C CYS A 869 27.36 -7.25 2.86
N SER A 870 27.61 -5.94 2.97
CA SER A 870 26.82 -4.89 2.28
C SER A 870 25.34 -5.06 2.59
N HIS A 871 25.00 -5.47 3.81
CA HIS A 871 23.59 -5.70 4.20
C HIS A 871 22.93 -4.37 4.52
N ASP A 872 21.68 -4.21 4.08
CA ASP A 872 20.89 -2.99 4.34
C ASP A 872 20.56 -2.91 5.82
N TRP A 873 21.26 -2.06 6.57
CA TRP A 873 21.01 -1.93 8.03
C TRP A 873 19.93 -0.90 8.30
N GLY A 874 20.04 0.29 7.73
CA GLY A 874 19.05 1.34 8.05
C GLY A 874 19.16 2.58 7.20
N ILE A 875 19.04 3.75 7.83
CA ILE A 875 19.02 5.04 7.11
C ILE A 875 19.61 6.13 7.99
N HIS A 876 20.55 6.89 7.44
CA HIS A 876 21.20 8.01 8.14
C HIS A 876 20.43 9.29 7.83
N VAL A 877 19.86 9.90 8.86
CA VAL A 877 19.05 11.14 8.71
C VAL A 877 19.57 12.18 9.69
N LYS A 878 18.91 13.33 9.69
CA LYS A 878 19.21 14.42 10.65
C LYS A 878 17.92 14.75 11.38
N TYR A 879 17.96 14.72 12.71
CA TYR A 879 16.72 14.85 13.51
C TYR A 879 16.36 16.34 13.64
N LYS A 880 17.17 17.10 14.36
CA LYS A 880 17.02 18.57 14.44
C LYS A 880 18.31 19.24 13.97
N THR A 881 19.42 18.91 14.61
CA THR A 881 20.77 19.33 14.17
C THR A 881 21.67 18.11 14.10
N PHE A 882 21.34 17.08 14.86
CA PHE A 882 22.19 15.89 15.00
C PHE A 882 21.96 14.92 13.84
N GLU A 883 23.03 14.23 13.47
CA GLU A 883 23.01 13.15 12.45
C GLU A 883 22.86 11.82 13.18
N ILE A 884 21.87 11.03 12.79
CA ILE A 884 21.56 9.75 13.49
C ILE A 884 21.29 8.65 12.47
N PRO A 885 21.92 7.47 12.66
CA PRO A 885 21.61 6.29 11.84
C PRO A 885 20.42 5.47 12.36
N VAL A 886 19.23 5.88 11.96
CA VAL A 886 17.99 5.16 12.36
C VAL A 886 18.03 3.75 11.77
N ILE A 887 18.03 2.75 12.64
CA ILE A 887 18.13 1.33 12.23
C ILE A 887 16.75 0.71 12.28
N LYS A 888 16.61 -0.46 11.68
CA LYS A 888 15.34 -1.23 11.67
C LYS A 888 15.61 -2.62 12.19
N ILE A 889 14.91 -3.00 13.25
CA ILE A 889 15.12 -4.34 13.88
C ILE A 889 14.82 -5.44 12.87
N GLU A 890 14.00 -5.15 11.86
CA GLU A 890 13.71 -6.11 10.75
C GLU A 890 15.02 -6.61 10.17
N SER A 891 15.99 -5.72 9.98
CA SER A 891 17.33 -6.08 9.46
C SER A 891 18.27 -6.31 10.63
N PHE A 892 17.83 -7.11 11.60
CA PHE A 892 18.64 -7.42 12.79
C PHE A 892 18.13 -8.70 13.43
N VAL A 893 19.02 -9.37 14.14
CA VAL A 893 18.69 -10.56 14.95
C VAL A 893 19.06 -10.25 16.40
N VAL A 894 18.23 -10.70 17.32
CA VAL A 894 18.42 -10.41 18.76
C VAL A 894 18.99 -11.65 19.43
N GLU A 895 20.15 -11.50 20.06
CA GLU A 895 20.79 -12.58 20.82
C GLU A 895 21.00 -12.09 22.25
N ASP A 896 20.49 -12.84 23.21
CA ASP A 896 20.64 -12.48 24.64
C ASP A 896 21.96 -13.05 25.17
N ILE A 897 22.57 -12.32 26.09
CA ILE A 897 23.86 -12.75 26.69
C ILE A 897 23.60 -13.64 27.90
N ALA A 898 22.44 -13.51 28.55
CA ALA A 898 22.12 -14.33 29.74
C ALA A 898 21.65 -15.72 29.32
N THR A 899 20.58 -15.81 28.55
CA THR A 899 20.00 -17.10 28.13
C THR A 899 20.89 -17.71 27.05
N GLY A 900 21.04 -16.98 25.94
CA GLY A 900 21.85 -17.41 24.79
C GLY A 900 21.04 -17.63 23.53
N VAL A 901 19.71 -17.67 23.62
CA VAL A 901 18.86 -17.91 22.42
C VAL A 901 18.97 -16.70 21.48
N GLN A 902 18.73 -16.94 20.20
CA GLN A 902 18.80 -15.89 19.16
C GLN A 902 17.40 -15.71 18.59
N THR A 903 16.61 -14.88 19.24
CA THR A 903 15.24 -14.58 18.76
C THR A 903 15.32 -13.60 17.59
N LEU A 904 14.34 -13.70 16.68
CA LEU A 904 14.29 -12.83 15.49
C LEU A 904 12.91 -12.17 15.44
N TYR A 905 12.90 -10.85 15.41
CA TYR A 905 11.66 -10.04 15.36
C TYR A 905 11.53 -9.41 13.98
N SER A 906 10.37 -8.79 13.75
CA SER A 906 10.04 -8.11 12.47
C SER A 906 9.87 -6.60 12.71
N LYS A 907 9.04 -6.21 13.67
CA LYS A 907 8.77 -4.79 13.96
C LYS A 907 9.25 -4.45 15.36
N TRP A 908 9.65 -3.20 15.53
CA TRP A 908 10.13 -2.70 16.85
C TRP A 908 9.06 -2.88 17.90
N LYS A 909 7.79 -2.72 17.53
CA LYS A 909 6.67 -2.88 18.48
C LYS A 909 6.67 -4.30 19.06
N ASP A 910 7.15 -5.27 18.30
CA ASP A 910 7.21 -6.67 18.78
C ASP A 910 8.42 -6.87 19.68
N PHE A 911 9.45 -6.04 19.55
CA PHE A 911 10.67 -6.17 20.39
C PHE A 911 10.47 -5.41 21.69
N HIS A 912 10.44 -6.13 22.80
CA HIS A 912 10.17 -5.56 24.15
C HIS A 912 11.49 -5.42 24.90
N PHE A 913 11.86 -4.21 25.26
CA PHE A 913 13.09 -3.93 26.04
C PHE A 913 12.94 -2.55 26.69
N GLU A 914 14.02 -2.08 27.31
CA GLU A 914 14.06 -0.75 27.95
C GLU A 914 14.13 0.30 26.85
N LYS A 915 12.98 0.76 26.39
CA LYS A 915 12.90 1.78 25.32
C LYS A 915 13.26 3.13 25.94
N ILE A 916 14.55 3.41 26.00
CA ILE A 916 15.03 4.69 26.59
C ILE A 916 14.77 5.79 25.57
N PRO A 917 14.13 6.91 25.96
CA PRO A 917 13.93 8.02 25.03
C PRO A 917 15.24 8.67 24.61
N PHE A 918 15.18 9.42 23.52
CA PHE A 918 16.36 10.12 22.96
C PHE A 918 16.63 11.37 23.79
N ASP A 919 17.78 11.40 24.45
CA ASP A 919 18.18 12.56 25.28
C ASP A 919 19.20 13.37 24.51
N PRO A 920 18.85 14.57 24.00
CA PRO A 920 19.82 15.40 23.29
C PRO A 920 20.94 15.97 24.17
N ALA A 921 20.85 15.84 25.49
CA ALA A 921 21.89 16.34 26.42
C ALA A 921 23.16 15.51 26.30
N GLU A 922 23.07 14.26 25.89
CA GLU A 922 24.25 13.37 25.80
C GLU A 922 25.02 13.70 24.52
N MET A 923 24.39 13.50 23.37
CA MET A 923 25.04 13.73 22.06
C MET A 923 24.11 14.57 21.19
PG GTP B 1 11.91 1.88 1.85
O1G GTP B 1 11.56 2.97 0.86
O2G GTP B 1 11.83 0.54 1.15
O3G GTP B 1 10.94 1.91 3.01
O3B GTP B 1 13.41 2.13 2.37
PB GTP B 1 13.70 3.33 3.40
O1B GTP B 1 12.76 4.46 3.10
O2B GTP B 1 15.14 3.77 3.32
O3A GTP B 1 13.35 2.70 4.84
PA GTP B 1 14.34 1.64 5.55
O1A GTP B 1 13.66 0.30 5.62
O2A GTP B 1 15.65 1.55 4.80
O5' GTP B 1 14.58 2.19 7.04
C5' GTP B 1 13.79 1.68 8.09
C4' GTP B 1 13.52 2.72 9.17
O4' GTP B 1 13.67 4.02 8.63
C3' GTP B 1 12.09 2.65 9.68
O3' GTP B 1 11.99 1.86 10.84
C2' GTP B 1 11.74 4.09 9.96
O2' GTP B 1 12.07 4.38 11.29
C1' GTP B 1 12.65 4.89 9.05
N9 GTP B 1 11.92 5.27 7.83
C8 GTP B 1 12.34 4.94 6.58
N7 GTP B 1 11.46 5.42 5.68
C5 GTP B 1 10.49 6.08 6.35
C6 GTP B 1 9.37 6.75 5.91
O6 GTP B 1 9.12 6.83 4.70
N1 GTP B 1 8.52 7.34 6.82
C2 GTP B 1 8.80 7.24 8.17
N2 GTP B 1 7.99 7.81 9.04
N3 GTP B 1 9.93 6.57 8.60
C4 GTP B 1 10.76 5.98 7.71
ZN ZN D . 26.94 -7.87 8.36
#